data_5ZBS
#
_entry.id   5ZBS
#
_cell.length_a   107.311
_cell.length_b   107.311
_cell.length_c   91.599
_cell.angle_alpha   90.000
_cell.angle_beta   90.000
_cell.angle_gamma   120.000
#
_symmetry.space_group_name_H-M   'P 32'
#
loop_
_entity.id
_entity.type
_entity.pdbx_description
1 polymer 'Kinesin family member 13B'
2 non-polymer 'MAGNESIUM ION'
3 non-polymer 'PHOSPHOAMINOPHOSPHONIC ACID-ADENYLATE ESTER'
4 water water
#
_entity_poly.entity_id   1
_entity_poly.type   'polypeptide(L)'
_entity_poly.pdbx_seq_one_letter_code
;MSKVKVAVRVRPMNRREIDLHTKCVVDVEANKVILNPINTNLSKGDARGQPKIFAYDHCFWSMDESVREKCAGQDDVFKC
LGENILQNAFDGYNACIFAYGQTGSGKSYTMMGTADQPGLIPRLCSGLFERTQKEENEEQSFKVEVSYMEIYNEKVRDLL
DPKGSRQTLKVREHSVLGPYVDGLSKLAVTSYKDIESLMSEGNKSRTVAATNMNEESSRSHAVFKITLTHTLYDVKSGTS
GEKVGKLSLVDLAGSERATKTGAAGDRLKEGSNINKSLTTLGLVISALADQGAGKNKNKFVPYRDSVLTWLLKDSLGGNS
KTAMVATVSPAADNYDETLSTLRYADRAKHIINHAVVNEDPNARIIRDLHHHHHH
;
_entity_poly.pdbx_strand_id   B,A,C
#
# COMPACT_ATOMS: atom_id res chain seq x y z
N SER A 2 -7.20 16.99 12.54
CA SER A 2 -8.39 16.14 12.45
C SER A 2 -8.39 15.34 11.15
N LYS A 3 -9.39 14.49 10.99
CA LYS A 3 -9.50 13.62 9.81
C LYS A 3 -10.00 14.39 8.59
N VAL A 4 -9.50 13.97 7.42
CA VAL A 4 -10.06 14.46 6.17
C VAL A 4 -11.54 14.09 6.09
N LYS A 5 -12.39 15.08 5.85
CA LYS A 5 -13.82 14.86 5.71
C LYS A 5 -14.10 14.34 4.30
N VAL A 6 -14.99 13.37 4.20
CA VAL A 6 -15.29 12.77 2.91
C VAL A 6 -16.78 12.80 2.66
N ALA A 7 -17.17 13.41 1.55
CA ALA A 7 -18.54 13.37 1.07
C ALA A 7 -18.56 12.58 -0.24
N VAL A 8 -19.66 11.86 -0.46
CA VAL A 8 -19.92 11.19 -1.73
C VAL A 8 -21.18 11.79 -2.33
N ARG A 9 -21.11 12.19 -3.58
CA ARG A 9 -22.24 12.76 -4.30
C ARG A 9 -22.62 11.84 -5.45
N VAL A 10 -23.85 11.34 -5.43
CA VAL A 10 -24.37 10.48 -6.50
C VAL A 10 -25.15 11.36 -7.47
N ARG A 11 -24.67 11.51 -8.69
CA ARG A 11 -25.51 12.21 -9.64
C ARG A 11 -26.71 11.34 -9.99
N PRO A 12 -27.84 11.95 -10.34
CA PRO A 12 -29.03 11.16 -10.68
C PRO A 12 -28.89 10.50 -12.05
N MET A 13 -29.75 9.50 -12.26
CA MET A 13 -29.87 8.81 -13.55
C MET A 13 -30.15 9.83 -14.67
N ASN A 14 -29.31 9.83 -15.70
CA ASN A 14 -29.54 10.77 -16.80
C ASN A 14 -30.53 10.15 -17.79
N ARG A 15 -30.84 10.90 -18.85
CA ARG A 15 -31.81 10.42 -19.83
C ARG A 15 -31.33 9.16 -20.54
N ARG A 16 -30.04 9.11 -20.89
CA ARG A 16 -29.53 7.92 -21.57
C ARG A 16 -29.71 6.69 -20.70
N GLU A 17 -29.38 6.82 -19.40
CA GLU A 17 -29.46 5.66 -18.52
C GLU A 17 -30.92 5.23 -18.33
N ILE A 18 -31.85 6.17 -18.36
CA ILE A 18 -33.25 5.77 -18.25
C ILE A 18 -33.74 5.17 -19.56
N ASP A 19 -33.39 5.79 -20.70
CA ASP A 19 -33.90 5.32 -21.99
C ASP A 19 -33.44 3.91 -22.29
N LEU A 20 -32.19 3.59 -21.96
CA LEU A 20 -31.57 2.32 -22.33
C LEU A 20 -31.68 1.27 -21.23
N HIS A 21 -32.41 1.57 -20.15
CA HIS A 21 -32.70 0.61 -19.08
C HIS A 21 -31.43 0.16 -18.38
N THR A 22 -30.45 1.04 -18.28
CA THR A 22 -29.30 0.72 -17.44
C THR A 22 -29.76 0.68 -15.98
N LYS A 23 -29.40 -0.38 -15.26
CA LYS A 23 -29.92 -0.55 -13.92
C LYS A 23 -29.21 0.41 -12.96
N CYS A 24 -29.96 1.02 -12.06
CA CYS A 24 -29.39 1.85 -11.02
C CYS A 24 -28.79 0.97 -9.94
N VAL A 25 -27.48 1.11 -9.68
CA VAL A 25 -26.79 0.27 -8.70
C VAL A 25 -26.33 1.01 -7.45
N VAL A 26 -26.46 2.32 -7.41
CA VAL A 26 -26.04 3.12 -6.25
C VAL A 26 -27.28 3.53 -5.48
N ASP A 27 -27.35 3.14 -4.21
CA ASP A 27 -28.36 3.64 -3.29
C ASP A 27 -27.67 4.41 -2.17
N VAL A 28 -28.42 5.29 -1.54
CA VAL A 28 -27.92 6.09 -0.43
C VAL A 28 -28.92 5.99 0.71
N GLU A 29 -28.41 5.87 1.93
CA GLU A 29 -29.26 6.05 3.11
C GLU A 29 -28.46 6.83 4.15
N ALA A 30 -28.99 7.98 4.55
CA ALA A 30 -28.25 8.94 5.37
C ALA A 30 -26.86 9.14 4.75
N ASN A 31 -25.80 8.89 5.52
CA ASN A 31 -24.45 9.07 5.02
C ASN A 31 -23.78 7.74 4.70
N LYS A 32 -24.59 6.80 4.22
CA LYS A 32 -24.13 5.50 3.76
C LYS A 32 -24.43 5.36 2.26
N VAL A 33 -23.46 4.82 1.52
CA VAL A 33 -23.63 4.51 0.10
C VAL A 33 -23.70 2.99 -0.04
N ILE A 34 -24.72 2.51 -0.74
CA ILE A 34 -24.92 1.09 -0.98
C ILE A 34 -24.72 0.82 -2.46
N LEU A 35 -23.69 0.06 -2.79
CA LEU A 35 -23.43 -0.38 -4.15
C LEU A 35 -23.96 -1.81 -4.32
N ASN A 36 -25.05 -1.97 -5.14
CA ASN A 36 -25.61 -3.24 -5.53
C ASN A 36 -24.92 -3.80 -6.77
N PRO A 37 -24.91 -5.14 -6.93
CA PRO A 37 -24.22 -5.74 -8.08
C PRO A 37 -25.10 -5.86 -9.30
N ILE A 38 -24.58 -6.45 -10.38
CA ILE A 38 -25.33 -6.66 -11.63
C ILE A 38 -25.82 -8.10 -11.76
N GLY A 49 -20.81 -10.54 -5.52
CA GLY A 49 -22.22 -10.40 -5.83
C GLY A 49 -23.08 -10.13 -4.61
N GLN A 50 -22.53 -9.35 -3.67
CA GLN A 50 -23.19 -8.92 -2.46
C GLN A 50 -23.23 -7.40 -2.38
N PRO A 51 -24.29 -6.82 -1.81
CA PRO A 51 -24.33 -5.37 -1.62
C PRO A 51 -23.21 -4.90 -0.71
N LYS A 52 -22.41 -3.95 -1.22
CA LYS A 52 -21.33 -3.33 -0.46
C LYS A 52 -21.80 -2.01 0.13
N ILE A 53 -21.58 -1.82 1.44
CA ILE A 53 -22.00 -0.61 2.15
C ILE A 53 -20.77 0.19 2.56
N PHE A 54 -20.72 1.44 2.17
CA PHE A 54 -19.67 2.35 2.57
C PHE A 54 -20.27 3.47 3.43
N ALA A 55 -19.49 3.95 4.41
CA ALA A 55 -19.93 5.01 5.30
C ALA A 55 -19.05 6.23 5.10
N TYR A 56 -19.66 7.41 5.12
CA TYR A 56 -18.94 8.66 4.93
C TYR A 56 -19.53 9.72 5.84
N ASP A 57 -18.90 10.90 5.84
CA ASP A 57 -19.42 12.02 6.62
C ASP A 57 -20.72 12.52 6.02
N HIS A 58 -20.77 12.70 4.70
CA HIS A 58 -21.99 13.15 4.05
C HIS A 58 -22.21 12.37 2.77
N CYS A 59 -23.49 12.20 2.41
CA CYS A 59 -23.87 11.69 1.11
C CYS A 59 -24.91 12.59 0.49
N PHE A 60 -24.70 12.94 -0.77
CA PHE A 60 -25.60 13.80 -1.53
C PHE A 60 -26.19 12.98 -2.67
N TRP A 61 -27.50 13.06 -2.83
CA TRP A 61 -28.17 12.39 -3.93
C TRP A 61 -29.42 13.18 -4.29
N SER A 62 -29.96 12.90 -5.47
CA SER A 62 -31.14 13.57 -5.98
C SER A 62 -32.15 12.54 -6.48
N MET A 63 -33.44 12.88 -6.37
CA MET A 63 -34.49 12.01 -6.89
C MET A 63 -34.47 11.94 -8.42
N ASP A 64 -34.19 13.05 -9.08
CA ASP A 64 -34.23 13.11 -10.54
C ASP A 64 -33.44 14.34 -10.98
N GLU A 65 -33.57 14.70 -12.26
CA GLU A 65 -32.85 15.85 -12.82
C GLU A 65 -33.73 17.10 -12.96
N SER A 66 -34.91 17.14 -12.36
CA SER A 66 -35.74 18.33 -12.44
C SER A 66 -35.01 19.54 -11.86
N VAL A 67 -35.37 20.73 -12.36
CA VAL A 67 -34.82 21.98 -11.86
C VAL A 67 -34.94 22.07 -10.33
N ARG A 68 -36.11 21.70 -9.81
CA ARG A 68 -36.34 21.73 -8.36
C ARG A 68 -35.27 20.94 -7.62
N GLU A 69 -35.04 19.70 -8.05
CA GLU A 69 -34.08 18.84 -7.39
C GLU A 69 -32.63 19.31 -7.60
N LYS A 70 -32.33 19.90 -8.76
CA LYS A 70 -30.96 20.35 -8.96
C LYS A 70 -30.66 21.59 -8.13
N CYS A 71 -31.61 22.53 -8.06
CA CYS A 71 -31.45 23.69 -7.18
C CYS A 71 -31.21 23.23 -5.75
N ALA A 72 -32.02 22.28 -5.29
CA ALA A 72 -31.84 21.75 -3.93
C ALA A 72 -30.47 21.09 -3.79
N GLY A 73 -30.02 20.37 -4.80
CA GLY A 73 -28.75 19.66 -4.69
C GLY A 73 -27.57 20.60 -4.46
N GLN A 74 -27.46 21.64 -5.31
CA GLN A 74 -26.36 22.59 -5.17
C GLN A 74 -26.44 23.33 -3.84
N ASP A 75 -27.65 23.64 -3.39
CA ASP A 75 -27.77 24.31 -2.10
C ASP A 75 -27.34 23.37 -0.98
N ASP A 76 -27.75 22.11 -1.08
CA ASP A 76 -27.36 21.10 -0.12
C ASP A 76 -25.83 20.97 -0.02
N VAL A 77 -25.15 20.89 -1.17
CA VAL A 77 -23.69 20.76 -1.10
C VAL A 77 -23.08 22.00 -0.44
N PHE A 78 -23.58 23.19 -0.78
CA PHE A 78 -22.97 24.38 -0.19
C PHE A 78 -23.27 24.45 1.30
N LYS A 79 -24.49 24.08 1.70
CA LYS A 79 -24.83 24.14 3.11
C LYS A 79 -23.94 23.25 3.94
N CYS A 80 -23.56 22.09 3.40
CA CYS A 80 -22.82 21.08 4.15
CA CYS A 80 -22.83 21.11 4.17
C CYS A 80 -21.32 21.26 4.06
N LEU A 81 -20.78 21.62 2.89
CA LEU A 81 -19.34 21.80 2.70
C LEU A 81 -18.91 23.23 2.46
N GLY A 82 -19.72 24.02 1.73
CA GLY A 82 -19.31 25.36 1.38
C GLY A 82 -19.20 26.29 2.58
N GLU A 83 -20.21 26.27 3.46
CA GLU A 83 -20.19 27.17 4.61
C GLU A 83 -18.99 26.87 5.51
N ASN A 84 -18.74 25.58 5.75
CA ASN A 84 -17.65 25.19 6.64
C ASN A 84 -16.30 25.64 6.10
N ILE A 85 -16.09 25.51 4.79
CA ILE A 85 -14.79 25.88 4.25
C ILE A 85 -14.64 27.39 4.28
N LEU A 86 -15.74 28.11 4.01
CA LEU A 86 -15.73 29.56 4.16
C LEU A 86 -15.38 29.94 5.59
N GLN A 87 -16.03 29.31 6.57
CA GLN A 87 -15.74 29.60 7.97
C GLN A 87 -14.28 29.29 8.29
N ASN A 88 -13.79 28.13 7.84
CA ASN A 88 -12.38 27.76 8.04
C ASN A 88 -11.44 28.86 7.58
N ALA A 89 -11.71 29.45 6.41
CA ALA A 89 -10.85 30.53 5.94
C ALA A 89 -10.95 31.78 6.83
N PHE A 90 -12.13 32.08 7.40
CA PHE A 90 -12.25 33.24 8.27
C PHE A 90 -11.65 32.99 9.64
N ASP A 91 -11.49 31.74 10.04
CA ASP A 91 -10.75 31.42 11.25
C ASP A 91 -9.25 31.31 11.02
N GLY A 92 -8.76 31.56 9.81
CA GLY A 92 -7.33 31.53 9.56
C GLY A 92 -6.72 30.18 9.23
N TYR A 93 -7.53 29.19 8.84
CA TYR A 93 -7.06 27.88 8.40
C TYR A 93 -6.84 27.84 6.90
N ASN A 94 -5.89 27.02 6.48
CA ASN A 94 -5.87 26.57 5.10
C ASN A 94 -6.95 25.50 4.96
N ALA A 95 -7.82 25.68 3.97
CA ALA A 95 -8.89 24.72 3.72
C ALA A 95 -8.89 24.32 2.24
N CYS A 96 -9.37 23.11 1.97
CA CYS A 96 -9.35 22.57 0.63
C CYS A 96 -10.55 21.67 0.40
N ILE A 97 -11.23 21.85 -0.72
CA ILE A 97 -12.18 20.87 -1.23
C ILE A 97 -11.66 20.39 -2.58
N PHE A 98 -11.55 19.08 -2.75
CA PHE A 98 -11.21 18.52 -4.06
C PHE A 98 -12.27 17.51 -4.45
N ALA A 99 -12.72 17.60 -5.70
CA ALA A 99 -13.69 16.68 -6.26
C ALA A 99 -12.95 15.60 -7.03
N TYR A 100 -13.35 14.35 -6.84
CA TYR A 100 -12.64 13.18 -7.37
C TYR A 100 -13.68 12.19 -7.88
N GLY A 101 -13.45 11.66 -9.07
CA GLY A 101 -14.35 10.65 -9.59
C GLY A 101 -14.27 10.57 -11.10
N GLN A 102 -14.99 9.57 -11.61
CA GLN A 102 -15.00 9.25 -13.04
C GLN A 102 -15.53 10.41 -13.87
N THR A 103 -15.10 10.48 -15.13
CA THR A 103 -15.60 11.47 -16.05
C THR A 103 -17.12 11.34 -16.20
N GLY A 104 -17.82 12.46 -16.21
CA GLY A 104 -19.26 12.42 -16.31
C GLY A 104 -19.98 12.17 -14.99
N SER A 105 -19.25 12.02 -13.88
CA SER A 105 -19.87 11.75 -12.59
C SER A 105 -20.30 13.02 -11.86
N GLY A 106 -19.71 14.17 -12.14
CA GLY A 106 -20.19 15.42 -11.56
C GLY A 106 -19.18 16.34 -10.88
N LYS A 107 -17.90 16.16 -11.20
CA LYS A 107 -16.83 16.93 -10.55
C LYS A 107 -16.97 18.42 -10.85
N SER A 108 -17.08 18.75 -12.14
CA SER A 108 -17.23 20.15 -12.54
C SER A 108 -18.60 20.70 -12.19
N TYR A 109 -19.64 19.88 -12.27
CA TYR A 109 -20.94 20.34 -11.83
C TYR A 109 -20.92 20.69 -10.34
N THR A 110 -20.15 19.93 -9.55
CA THR A 110 -20.13 20.21 -8.13
C THR A 110 -19.26 21.43 -7.80
N MET A 111 -18.07 21.54 -8.40
CA MET A 111 -17.11 22.59 -8.04
C MET A 111 -17.53 23.94 -8.59
N MET A 112 -17.79 24.01 -9.90
CA MET A 112 -18.18 25.24 -10.57
C MET A 112 -19.67 25.30 -10.89
N GLY A 113 -20.26 24.19 -11.32
CA GLY A 113 -21.67 24.21 -11.73
C GLY A 113 -21.82 24.92 -13.07
N THR A 114 -23.06 25.27 -13.39
CA THR A 114 -23.45 26.00 -14.59
C THR A 114 -24.11 27.34 -14.22
N ALA A 115 -24.40 28.13 -15.26
CA ALA A 115 -25.09 29.41 -15.07
C ALA A 115 -26.44 29.20 -14.42
N ASP A 116 -27.15 28.15 -14.82
CA ASP A 116 -28.45 27.86 -14.23
C ASP A 116 -28.34 27.15 -12.89
N GLN A 117 -27.24 26.43 -12.66
CA GLN A 117 -27.04 25.67 -11.43
C GLN A 117 -25.65 25.95 -10.85
N PRO A 118 -25.43 27.14 -10.30
CA PRO A 118 -24.10 27.47 -9.74
C PRO A 118 -23.64 26.48 -8.67
N GLY A 119 -22.35 26.12 -8.73
CA GLY A 119 -21.74 25.17 -7.83
C GLY A 119 -21.02 25.84 -6.67
N LEU A 120 -20.05 25.11 -6.10
CA LEU A 120 -19.38 25.56 -4.88
C LEU A 120 -18.63 26.88 -5.10
N ILE A 121 -17.82 26.97 -6.15
CA ILE A 121 -16.95 28.15 -6.30
C ILE A 121 -17.74 29.44 -6.47
N PRO A 122 -18.77 29.54 -7.33
CA PRO A 122 -19.55 30.79 -7.36
C PRO A 122 -20.15 31.17 -6.02
N ARG A 123 -20.65 30.19 -5.27
CA ARG A 123 -21.28 30.50 -4.00
C ARG A 123 -20.25 30.89 -2.96
N LEU A 124 -19.08 30.26 -3.01
CA LEU A 124 -18.01 30.61 -2.08
C LEU A 124 -17.56 32.04 -2.31
N CYS A 125 -17.36 32.42 -3.58
CA CYS A 125 -16.91 33.77 -3.90
C CYS A 125 -17.96 34.81 -3.53
N SER A 126 -19.25 34.50 -3.73
CA SER A 126 -20.32 35.41 -3.33
C SER A 126 -20.38 35.56 -1.82
N GLY A 127 -20.34 34.45 -1.09
CA GLY A 127 -20.36 34.53 0.37
C GLY A 127 -19.14 35.23 0.94
N LEU A 128 -17.99 35.06 0.29
CA LEU A 128 -16.74 35.66 0.77
C LEU A 128 -16.88 37.17 0.81
N PHE A 129 -17.23 37.77 -0.33
CA PHE A 129 -17.39 39.23 -0.39
C PHE A 129 -18.61 39.70 0.40
N GLU A 130 -19.67 38.88 0.47
CA GLU A 130 -20.76 39.25 1.36
C GLU A 130 -20.24 39.42 2.79
N ARG A 131 -19.36 38.52 3.22
CA ARG A 131 -18.92 38.52 4.61
C ARG A 131 -17.87 39.61 4.88
N THR A 132 -16.85 39.73 4.02
CA THR A 132 -15.84 40.76 4.23
C THR A 132 -16.47 42.14 4.28
N GLN A 133 -17.39 42.43 3.34
CA GLN A 133 -18.06 43.74 3.32
C GLN A 133 -18.99 43.93 4.52
N LYS A 134 -19.60 42.86 5.01
CA LYS A 134 -20.42 42.99 6.22
C LYS A 134 -19.56 43.18 7.45
N GLU A 135 -18.40 42.51 7.53
CA GLU A 135 -17.66 42.41 8.78
C GLU A 135 -16.60 43.50 8.94
N GLU A 136 -16.21 44.17 7.86
CA GLU A 136 -15.15 45.15 7.97
C GLU A 136 -15.60 46.33 8.82
N ASN A 137 -14.71 46.79 9.69
CA ASN A 137 -15.04 47.85 10.64
C ASN A 137 -13.74 48.43 11.18
N GLU A 138 -13.83 49.23 12.24
CA GLU A 138 -12.63 49.88 12.75
C GLU A 138 -11.64 48.87 13.32
N GLU A 139 -12.11 47.68 13.67
CA GLU A 139 -11.25 46.67 14.28
C GLU A 139 -10.70 45.66 13.28
N GLN A 140 -11.18 45.63 12.04
CA GLN A 140 -10.69 44.61 11.12
C GLN A 140 -10.92 45.01 9.67
N SER A 141 -10.01 44.55 8.81
CA SER A 141 -10.19 44.68 7.37
C SER A 141 -9.78 43.37 6.69
N PHE A 142 -10.10 43.27 5.41
CA PHE A 142 -9.89 42.05 4.66
C PHE A 142 -9.32 42.37 3.30
N LYS A 143 -8.36 41.58 2.87
CA LYS A 143 -7.82 41.57 1.52
C LYS A 143 -8.07 40.20 0.90
N VAL A 144 -8.41 40.18 -0.39
CA VAL A 144 -8.75 38.96 -1.09
C VAL A 144 -7.93 38.89 -2.37
N GLU A 145 -7.22 37.78 -2.54
CA GLU A 145 -6.44 37.54 -3.74
C GLU A 145 -6.78 36.16 -4.28
N VAL A 146 -6.80 36.05 -5.60
CA VAL A 146 -7.20 34.82 -6.26
C VAL A 146 -6.12 34.40 -7.24
N SER A 147 -5.90 33.09 -7.35
CA SER A 147 -5.15 32.50 -8.45
C SER A 147 -5.98 31.36 -9.01
N TYR A 148 -5.70 31.02 -10.26
CA TYR A 148 -6.47 30.00 -10.97
C TYR A 148 -5.53 29.33 -11.97
N MET A 149 -5.31 28.04 -11.81
CA MET A 149 -4.29 27.35 -12.58
C MET A 149 -4.79 25.98 -12.97
N GLU A 150 -4.10 25.38 -13.94
CA GLU A 150 -4.48 24.10 -14.49
C GLU A 150 -3.25 23.22 -14.53
N ILE A 151 -3.41 21.94 -14.20
CA ILE A 151 -2.35 20.95 -14.31
C ILE A 151 -2.73 20.01 -15.43
N TYR A 152 -1.99 20.07 -16.54
CA TYR A 152 -2.14 19.13 -17.65
C TYR A 152 -0.76 18.59 -18.00
N ASN A 153 -0.67 17.26 -18.14
CA ASN A 153 0.56 16.62 -18.59
C ASN A 153 1.76 17.03 -17.72
N GLU A 154 1.54 17.08 -16.40
CA GLU A 154 2.51 17.51 -15.40
C GLU A 154 3.02 18.94 -15.61
N LYS A 155 2.32 19.74 -16.42
CA LYS A 155 2.67 21.13 -16.62
C LYS A 155 1.61 22.03 -15.99
N VAL A 156 2.05 23.13 -15.38
CA VAL A 156 1.17 24.10 -14.76
C VAL A 156 1.02 25.27 -15.71
N ARG A 157 -0.21 25.59 -16.08
CA ARG A 157 -0.53 26.79 -16.84
C ARG A 157 -1.31 27.75 -15.94
N ASP A 158 -1.04 29.05 -16.07
CA ASP A 158 -1.76 30.08 -15.34
C ASP A 158 -3.00 30.45 -16.13
N LEU A 159 -4.19 30.12 -15.59
CA LEU A 159 -5.43 30.41 -16.31
C LEU A 159 -5.84 31.87 -16.29
N LEU A 160 -5.25 32.69 -15.40
CA LEU A 160 -5.51 34.12 -15.38
C LEU A 160 -4.47 34.90 -16.19
N ASP A 161 -3.79 34.22 -17.10
CA ASP A 161 -2.79 34.82 -17.94
C ASP A 161 -2.58 33.98 -19.21
N ARG A 166 7.10 32.63 -19.17
CA ARG A 166 5.84 32.34 -18.49
C ARG A 166 4.86 31.65 -19.42
N GLN A 167 5.28 30.53 -20.01
CA GLN A 167 4.37 29.63 -20.72
C GLN A 167 3.97 28.44 -19.88
N THR A 168 4.89 27.90 -19.08
CA THR A 168 4.60 26.90 -18.06
C THR A 168 5.46 27.21 -16.85
N LEU A 169 4.92 26.96 -15.67
CA LEU A 169 5.52 27.40 -14.41
C LEU A 169 6.00 26.20 -13.61
N LYS A 170 7.01 26.42 -12.79
CA LYS A 170 7.67 25.35 -12.06
C LYS A 170 7.18 25.32 -10.63
N VAL A 171 6.95 24.11 -10.11
CA VAL A 171 6.67 23.94 -8.70
C VAL A 171 7.98 23.90 -7.93
N ARG A 172 8.10 24.75 -6.91
CA ARG A 172 9.12 24.58 -5.90
C ARG A 172 8.48 24.59 -4.53
N GLU A 173 9.26 24.15 -3.56
CA GLU A 173 8.82 24.11 -2.17
C GLU A 173 9.83 24.88 -1.33
N HIS A 174 9.36 25.89 -0.62
CA HIS A 174 10.20 26.62 0.31
C HIS A 174 10.06 26.01 1.71
N SER A 175 11.16 26.03 2.46
CA SER A 175 11.20 25.37 3.76
C SER A 175 10.20 25.99 4.75
N VAL A 176 9.84 27.25 4.57
CA VAL A 176 8.83 27.87 5.41
C VAL A 176 7.52 28.11 4.66
N LEU A 177 7.56 28.42 3.35
CA LEU A 177 6.35 28.73 2.59
C LEU A 177 5.61 27.50 2.08
N GLY A 178 6.24 26.33 1.99
CA GLY A 178 5.61 25.16 1.43
C GLY A 178 5.74 25.11 -0.08
N PRO A 179 5.02 24.19 -0.72
CA PRO A 179 5.02 24.17 -2.20
C PRO A 179 4.22 25.31 -2.79
N TYR A 180 4.69 25.82 -3.93
CA TYR A 180 4.06 26.95 -4.60
C TYR A 180 4.43 26.89 -6.07
N VAL A 181 3.66 27.61 -6.89
CA VAL A 181 3.93 27.65 -8.33
C VAL A 181 4.69 28.94 -8.61
N ASP A 182 5.96 28.80 -9.00
CA ASP A 182 6.81 29.95 -9.24
C ASP A 182 6.29 30.76 -10.42
N GLY A 183 5.96 32.03 -10.17
CA GLY A 183 5.48 32.92 -11.21
C GLY A 183 3.98 32.91 -11.47
N LEU A 184 3.19 32.22 -10.64
CA LEU A 184 1.75 32.17 -10.87
C LEU A 184 1.10 33.46 -10.39
N SER A 185 0.31 34.11 -11.24
CA SER A 185 -0.22 35.40 -10.86
C SER A 185 -1.20 35.25 -9.69
N LYS A 186 -1.14 36.20 -8.77
CA LYS A 186 -2.05 36.27 -7.64
C LYS A 186 -2.68 37.66 -7.66
N LEU A 187 -3.97 37.72 -8.01
CA LEU A 187 -4.65 38.98 -8.29
C LEU A 187 -5.58 39.36 -7.15
N ALA A 188 -5.44 40.60 -6.69
CA ALA A 188 -6.36 41.17 -5.72
C ALA A 188 -7.73 41.40 -6.34
N VAL A 189 -8.77 41.07 -5.60
CA VAL A 189 -10.15 41.31 -6.05
C VAL A 189 -10.92 41.96 -4.91
N THR A 190 -11.84 42.88 -5.26
CA THR A 190 -12.61 43.63 -4.26
C THR A 190 -14.12 43.41 -4.36
N SER A 191 -14.58 42.49 -5.19
CA SER A 191 -16.01 42.31 -5.35
C SER A 191 -16.23 40.99 -6.07
N TYR A 192 -17.46 40.48 -5.95
CA TYR A 192 -17.81 39.27 -6.66
C TYR A 192 -17.61 39.45 -8.16
N LYS A 193 -18.01 40.60 -8.69
CA LYS A 193 -17.93 40.73 -10.13
C LYS A 193 -16.49 40.71 -10.63
N ASP A 194 -15.54 41.29 -9.88
CA ASP A 194 -14.13 41.14 -10.25
C ASP A 194 -13.73 39.68 -10.33
N ILE A 195 -14.09 38.90 -9.31
CA ILE A 195 -13.63 37.52 -9.25
C ILE A 195 -14.40 36.67 -10.26
N GLU A 196 -15.69 36.95 -10.45
CA GLU A 196 -16.49 36.23 -11.46
C GLU A 196 -15.93 36.46 -12.85
N SER A 197 -15.52 37.69 -13.15
CA SER A 197 -14.93 37.97 -14.47
C SER A 197 -13.62 37.22 -14.66
N LEU A 198 -12.80 37.14 -13.60
CA LEU A 198 -11.56 36.38 -13.67
C LEU A 198 -11.84 34.88 -13.83
N MET A 199 -12.76 34.33 -13.02
CA MET A 199 -12.99 32.90 -13.12
C MET A 199 -13.64 32.56 -14.45
N SER A 200 -14.41 33.51 -15.01
CA SER A 200 -15.07 33.29 -16.29
C SER A 200 -14.07 33.23 -17.43
N GLU A 201 -13.02 34.06 -17.38
CA GLU A 201 -11.98 33.99 -18.40
C GLU A 201 -11.00 32.85 -18.16
N GLY A 202 -10.71 32.53 -16.89
CA GLY A 202 -10.00 31.29 -16.62
C GLY A 202 -10.75 30.07 -17.10
N ASN A 203 -12.08 30.04 -16.87
CA ASN A 203 -12.90 28.92 -17.33
C ASN A 203 -12.83 28.73 -18.84
N LYS A 204 -12.64 29.80 -19.60
CA LYS A 204 -12.55 29.70 -21.05
C LYS A 204 -11.18 29.28 -21.54
N SER A 205 -10.17 29.28 -20.67
CA SER A 205 -8.80 29.02 -21.08
C SER A 205 -8.36 27.58 -20.80
N ARG A 206 -9.30 26.69 -20.46
CA ARG A 206 -8.95 25.31 -20.12
C ARG A 206 -8.32 24.55 -21.28
N THR A 207 -7.98 23.30 -21.02
CA THR A 207 -7.57 22.38 -22.06
C THR A 207 -8.35 21.09 -21.84
N SER A 218 -10.45 17.79 -19.59
CA SER A 218 -10.30 16.48 -20.21
C SER A 218 -9.64 15.54 -19.21
N ARG A 219 -8.32 15.45 -19.31
CA ARG A 219 -7.48 14.78 -18.31
C ARG A 219 -6.63 15.79 -17.54
N SER A 220 -7.12 17.02 -17.38
CA SER A 220 -6.45 18.09 -16.67
C SER A 220 -7.09 18.36 -15.30
N HIS A 221 -6.32 19.03 -14.45
CA HIS A 221 -6.74 19.34 -13.08
C HIS A 221 -6.76 20.85 -12.94
N ALA A 222 -7.83 21.38 -12.37
CA ALA A 222 -7.94 22.82 -12.14
C ALA A 222 -7.93 23.09 -10.65
N VAL A 223 -7.25 24.15 -10.25
CA VAL A 223 -7.10 24.57 -8.87
C VAL A 223 -7.47 26.05 -8.78
N PHE A 224 -8.49 26.37 -8.00
CA PHE A 224 -8.90 27.74 -7.75
C PHE A 224 -8.49 28.07 -6.32
N LYS A 225 -7.68 29.10 -6.16
CA LYS A 225 -7.06 29.41 -4.88
C LYS A 225 -7.44 30.83 -4.46
N ILE A 226 -8.05 30.96 -3.29
CA ILE A 226 -8.37 32.24 -2.69
C ILE A 226 -7.52 32.41 -1.45
N THR A 227 -6.90 33.57 -1.31
CA THR A 227 -6.14 33.91 -0.11
C THR A 227 -6.87 35.04 0.61
N LEU A 228 -7.28 34.77 1.83
CA LEU A 228 -8.04 35.73 2.63
C LEU A 228 -7.13 36.26 3.75
N THR A 229 -6.67 37.49 3.60
CA THR A 229 -5.82 38.14 4.61
C THR A 229 -6.71 39.00 5.51
N HIS A 230 -6.79 38.62 6.79
CA HIS A 230 -7.61 39.27 7.80
C HIS A 230 -6.72 40.12 8.70
N THR A 231 -6.74 41.44 8.51
CA THR A 231 -6.00 42.32 9.41
C THR A 231 -6.86 42.75 10.57
N LEU A 232 -6.38 42.53 11.79
CA LEU A 232 -7.01 42.99 13.01
C LEU A 232 -6.24 44.18 13.59
N TYR A 233 -6.98 45.16 14.12
CA TYR A 233 -6.42 46.38 14.66
C TYR A 233 -6.90 46.56 16.09
N ASP A 234 -5.96 46.85 17.00
CA ASP A 234 -6.29 47.26 18.35
C ASP A 234 -6.31 48.78 18.34
N VAL A 235 -7.52 49.34 18.37
CA VAL A 235 -7.69 50.76 18.09
C VAL A 235 -7.02 51.60 19.16
N LYS A 236 -6.96 51.10 20.38
CA LYS A 236 -6.32 51.83 21.47
C LYS A 236 -4.83 52.03 21.21
N SER A 237 -4.14 50.98 20.75
CA SER A 237 -2.70 51.03 20.56
C SER A 237 -2.28 51.34 19.13
N GLY A 238 -3.13 51.07 18.14
CA GLY A 238 -2.67 51.15 16.77
C GLY A 238 -1.87 49.96 16.28
N THR A 239 -1.57 48.99 17.15
CA THR A 239 -0.94 47.75 16.70
C THR A 239 -1.89 46.98 15.79
N SER A 240 -1.31 46.20 14.87
CA SER A 240 -2.13 45.41 13.97
C SER A 240 -1.42 44.10 13.67
N GLY A 241 -2.19 43.13 13.18
CA GLY A 241 -1.66 41.81 12.83
C GLY A 241 -2.53 41.13 11.80
N GLU A 242 -1.97 40.13 11.13
CA GLU A 242 -2.65 39.42 10.06
C GLU A 242 -2.93 37.96 10.44
N LYS A 243 -4.10 37.49 10.01
CA LYS A 243 -4.50 36.10 10.08
C LYS A 243 -4.90 35.68 8.67
N VAL A 244 -4.21 34.69 8.11
CA VAL A 244 -4.33 34.37 6.69
C VAL A 244 -5.06 33.04 6.52
N GLY A 245 -6.21 33.09 5.86
CA GLY A 245 -6.93 31.88 5.46
C GLY A 245 -6.76 31.64 3.96
N LYS A 246 -6.72 30.38 3.57
CA LYS A 246 -6.61 29.99 2.16
C LYS A 246 -7.67 28.96 1.80
N LEU A 247 -8.25 29.13 0.63
CA LEU A 247 -9.22 28.20 0.07
C LEU A 247 -8.65 27.62 -1.21
N SER A 248 -8.48 26.29 -1.24
CA SER A 248 -8.08 25.57 -2.44
C SER A 248 -9.28 24.75 -2.94
N LEU A 249 -9.83 25.13 -4.08
CA LEU A 249 -11.00 24.46 -4.65
C LEU A 249 -10.55 23.71 -5.91
N VAL A 250 -10.47 22.38 -5.82
CA VAL A 250 -9.75 21.57 -6.79
C VAL A 250 -10.75 20.71 -7.55
N ASP A 251 -10.73 20.81 -8.89
CA ASP A 251 -11.56 19.99 -9.77
C ASP A 251 -10.60 19.09 -10.55
N LEU A 252 -10.50 17.82 -10.15
CA LEU A 252 -9.51 16.93 -10.73
C LEU A 252 -9.96 16.37 -12.09
N ALA A 253 -8.98 15.79 -12.80
CA ALA A 253 -9.22 15.02 -14.00
C ALA A 253 -9.99 13.73 -13.69
N GLY A 254 -10.56 13.16 -14.74
CA GLY A 254 -11.33 11.93 -14.62
C GLY A 254 -10.52 10.80 -14.03
N SER A 255 -11.06 10.16 -12.99
CA SER A 255 -10.32 9.14 -12.25
C SER A 255 -10.15 7.85 -13.01
N GLU A 256 -10.96 7.61 -14.05
CA GLU A 256 -10.86 6.35 -14.78
C GLU A 256 -9.56 6.22 -15.56
N ARG A 257 -8.86 7.32 -15.83
CA ARG A 257 -7.62 7.26 -16.61
C ARG A 257 -6.41 7.21 -15.70
N SER A 272 3.45 8.51 -20.15
CA SER A 272 3.01 8.21 -18.79
C SER A 272 2.76 9.51 -18.03
N ASN A 273 3.27 10.59 -18.61
CA ASN A 273 3.20 11.91 -17.99
C ASN A 273 1.75 12.33 -17.71
N ILE A 274 0.84 12.03 -18.64
CA ILE A 274 -0.50 12.57 -18.59
C ILE A 274 -1.33 11.98 -17.45
N ASN A 275 -0.98 10.80 -16.96
CA ASN A 275 -1.70 10.15 -15.86
C ASN A 275 -0.96 10.23 -14.55
N LYS A 276 0.26 10.79 -14.54
CA LYS A 276 1.13 10.71 -13.37
C LYS A 276 0.45 11.28 -12.13
N SER A 277 -0.08 12.51 -12.25
CA SER A 277 -0.66 13.16 -11.08
C SER A 277 -1.82 12.35 -10.52
N LEU A 278 -2.65 11.80 -11.41
CA LEU A 278 -3.78 11.03 -10.95
C LEU A 278 -3.33 9.75 -10.28
N THR A 279 -2.35 9.08 -10.87
CA THR A 279 -1.86 7.83 -10.32
C THR A 279 -1.20 8.04 -8.97
N THR A 280 -0.37 9.09 -8.86
CA THR A 280 0.33 9.37 -7.61
C THR A 280 -0.65 9.79 -6.50
N LEU A 281 -1.75 10.47 -6.84
CA LEU A 281 -2.74 10.81 -5.81
C LEU A 281 -3.32 9.55 -5.19
N GLY A 282 -3.61 8.54 -6.02
CA GLY A 282 -4.06 7.27 -5.48
C GLY A 282 -3.09 6.69 -4.47
N LEU A 283 -1.79 6.68 -4.80
CA LEU A 283 -0.78 6.15 -3.88
C LEU A 283 -0.69 6.98 -2.62
N VAL A 284 -0.76 8.30 -2.76
CA VAL A 284 -0.70 9.20 -1.61
C VAL A 284 -1.83 8.88 -0.64
N ILE A 285 -3.06 8.84 -1.17
CA ILE A 285 -4.24 8.58 -0.35
C ILE A 285 -4.10 7.23 0.34
N SER A 286 -3.66 6.21 -0.41
CA SER A 286 -3.45 4.89 0.18
C SER A 286 -2.42 4.92 1.29
N ALA A 287 -1.26 5.55 1.04
CA ALA A 287 -0.18 5.56 2.04
C ALA A 287 -0.63 6.30 3.29
N LEU A 288 -1.16 7.51 3.12
CA LEU A 288 -1.64 8.28 4.28
C LEU A 288 -2.77 7.55 5.00
N ALA A 289 -3.61 6.81 4.26
CA ALA A 289 -4.68 6.06 4.92
C ALA A 289 -4.11 4.93 5.79
N ASP A 290 -3.15 4.16 5.27
CA ASP A 290 -2.47 3.16 6.08
C ASP A 290 -1.93 3.76 7.37
N GLN A 291 -1.16 4.86 7.27
CA GLN A 291 -0.62 5.50 8.46
C GLN A 291 -1.72 5.92 9.43
N GLY A 292 -2.85 6.40 8.91
CA GLY A 292 -3.99 6.74 9.74
C GLY A 292 -4.51 5.60 10.57
N ALA A 293 -4.10 4.36 10.26
CA ALA A 293 -4.27 3.22 11.14
C ALA A 293 -2.92 2.82 11.73
N GLY A 294 -2.32 1.74 11.23
CA GLY A 294 -1.02 1.32 11.71
C GLY A 294 -0.23 0.46 10.75
N LYS A 295 -0.56 0.50 9.46
CA LYS A 295 0.10 -0.30 8.44
C LYS A 295 1.32 0.45 7.88
N ASN A 296 2.41 -0.30 7.69
CA ASN A 296 3.72 0.25 7.29
C ASN A 296 4.15 1.28 8.34
N LYS A 297 4.86 2.33 7.91
CA LYS A 297 5.25 3.40 8.83
C LYS A 297 5.78 4.59 8.03
N LYS A 299 6.42 3.49 5.13
CA LYS A 299 5.33 3.91 4.26
C LYS A 299 5.74 5.14 3.44
N PHE A 300 6.24 4.89 2.24
CA PHE A 300 6.70 5.93 1.32
C PHE A 300 5.47 6.67 0.77
N VAL A 301 5.15 7.84 1.36
CA VAL A 301 4.12 8.75 0.82
C VAL A 301 4.75 9.61 -0.27
N PRO A 302 4.52 9.30 -1.53
CA PRO A 302 5.31 9.90 -2.62
C PRO A 302 4.77 11.27 -3.06
N TYR A 303 4.71 12.23 -2.13
CA TYR A 303 4.15 13.55 -2.43
C TYR A 303 4.75 14.15 -3.70
N ARG A 304 6.09 14.22 -3.77
CA ARG A 304 6.80 14.93 -4.84
C ARG A 304 6.97 14.13 -6.11
N ASP A 305 6.32 13.00 -6.23
CA ASP A 305 6.36 12.25 -7.47
C ASP A 305 5.42 12.84 -8.52
N SER A 306 4.66 13.88 -8.19
CA SER A 306 3.84 14.54 -9.20
C SER A 306 3.54 15.98 -8.78
N VAL A 307 3.25 16.80 -9.78
CA VAL A 307 2.90 18.21 -9.55
C VAL A 307 1.69 18.34 -8.64
N LEU A 308 0.67 17.51 -8.88
CA LEU A 308 -0.59 17.64 -8.16
C LEU A 308 -0.43 17.31 -6.68
N THR A 309 0.18 16.15 -6.38
CA THR A 309 0.34 15.74 -4.99
C THR A 309 1.36 16.59 -4.25
N TRP A 310 2.30 17.22 -4.97
CA TRP A 310 3.23 18.11 -4.30
C TRP A 310 2.54 19.39 -3.86
N LEU A 311 1.73 19.98 -4.74
CA LEU A 311 0.98 21.19 -4.38
C LEU A 311 -0.11 20.89 -3.36
N LEU A 312 -0.63 19.66 -3.31
CA LEU A 312 -1.61 19.23 -2.32
C LEU A 312 -0.99 18.59 -1.09
N LYS A 313 0.33 18.72 -0.91
CA LYS A 313 0.98 18.06 0.22
C LYS A 313 0.35 18.49 1.54
N ASP A 314 0.12 19.78 1.74
CA ASP A 314 -0.51 20.25 2.98
C ASP A 314 -1.97 19.82 3.05
N SER A 315 -2.68 19.84 1.92
CA SER A 315 -4.09 19.49 1.91
C SER A 315 -4.34 18.05 2.38
N LEU A 316 -3.36 17.16 2.21
CA LEU A 316 -3.51 15.75 2.58
C LEU A 316 -2.37 15.36 3.50
N GLY A 317 -2.68 15.21 4.80
CA GLY A 317 -1.70 14.86 5.80
C GLY A 317 -0.98 16.03 6.42
N GLY A 318 -1.29 17.25 6.00
CA GLY A 318 -0.57 18.44 6.44
C GLY A 318 -1.43 19.50 7.09
N ASN A 319 -1.04 20.76 6.91
CA ASN A 319 -1.61 21.89 7.64
C ASN A 319 -2.85 22.43 6.92
N SER A 320 -3.92 21.62 6.93
CA SER A 320 -5.13 22.02 6.22
C SER A 320 -6.36 21.33 6.81
N LYS A 321 -7.51 22.01 6.69
CA LYS A 321 -8.81 21.40 6.86
C LYS A 321 -9.34 21.04 5.48
N THR A 322 -9.52 19.75 5.23
CA THR A 322 -9.70 19.25 3.88
C THR A 322 -10.95 18.39 3.82
N ALA A 323 -11.72 18.59 2.75
CA ALA A 323 -12.84 17.75 2.41
C ALA A 323 -12.65 17.18 1.01
N MET A 324 -12.96 15.89 0.87
CA MET A 324 -13.08 15.24 -0.43
C MET A 324 -14.55 15.08 -0.80
N VAL A 325 -14.91 15.47 -2.03
CA VAL A 325 -16.20 15.14 -2.61
C VAL A 325 -15.96 14.09 -3.67
N ALA A 326 -16.33 12.86 -3.38
CA ALA A 326 -16.20 11.77 -4.34
C ALA A 326 -17.48 11.72 -5.17
N THR A 327 -17.37 11.88 -6.48
CA THR A 327 -18.54 11.90 -7.35
C THR A 327 -18.65 10.57 -8.07
N VAL A 328 -19.85 9.98 -8.08
CA VAL A 328 -20.09 8.67 -8.69
C VAL A 328 -21.33 8.75 -9.58
N SER A 329 -21.27 8.04 -10.71
CA SER A 329 -22.44 7.77 -11.52
C SER A 329 -23.23 6.62 -10.92
N PRO A 330 -24.55 6.59 -11.14
CA PRO A 330 -25.42 5.67 -10.39
C PRO A 330 -25.69 4.31 -11.02
N ALA A 331 -25.32 4.06 -12.27
CA ALA A 331 -25.90 2.94 -12.99
C ALA A 331 -24.90 1.82 -13.24
N ALA A 332 -25.42 0.68 -13.76
CA ALA A 332 -24.64 -0.57 -13.84
C ALA A 332 -23.40 -0.43 -14.71
N ASP A 333 -23.49 0.31 -15.82
CA ASP A 333 -22.39 0.45 -16.78
C ASP A 333 -21.13 1.09 -16.19
N ASN A 334 -21.19 1.61 -14.96
CA ASN A 334 -20.02 2.21 -14.31
C ASN A 334 -19.70 1.53 -12.98
N TYR A 335 -20.26 0.35 -12.72
CA TYR A 335 -20.11 -0.30 -11.42
C TYR A 335 -18.66 -0.32 -10.96
N ASP A 336 -17.74 -0.63 -11.88
CA ASP A 336 -16.36 -0.82 -11.48
C ASP A 336 -15.67 0.49 -11.14
N GLU A 337 -15.86 1.53 -11.96
CA GLU A 337 -15.26 2.82 -11.63
C GLU A 337 -15.88 3.39 -10.36
N THR A 338 -17.18 3.20 -10.20
CA THR A 338 -17.84 3.62 -8.97
C THR A 338 -17.22 2.94 -7.75
N LEU A 339 -17.01 1.63 -7.83
CA LEU A 339 -16.42 0.90 -6.72
C LEU A 339 -15.05 1.47 -6.38
N SER A 340 -14.25 1.76 -7.39
CA SER A 340 -12.92 2.31 -7.17
C SER A 340 -13.00 3.69 -6.53
N THR A 341 -13.90 4.56 -7.00
CA THR A 341 -14.09 5.86 -6.35
C THR A 341 -14.52 5.68 -4.90
N LEU A 342 -15.50 4.81 -4.66
CA LEU A 342 -15.98 4.58 -3.31
C LEU A 342 -14.84 4.12 -2.41
N ARG A 343 -13.91 3.33 -2.96
CA ARG A 343 -12.82 2.76 -2.16
C ARG A 343 -11.79 3.82 -1.79
N TYR A 344 -11.38 4.65 -2.74
CA TYR A 344 -10.46 5.73 -2.41
C TYR A 344 -11.10 6.70 -1.42
N ALA A 345 -12.36 7.04 -1.65
CA ALA A 345 -13.08 7.88 -0.69
C ALA A 345 -13.08 7.21 0.68
N ASP A 346 -13.19 5.87 0.70
CA ASP A 346 -13.21 5.14 1.96
C ASP A 346 -11.85 5.24 2.66
N ARG A 347 -10.77 5.20 1.89
CA ARG A 347 -9.46 5.32 2.50
C ARG A 347 -9.20 6.75 2.94
N ALA A 348 -9.64 7.73 2.15
CA ALA A 348 -9.30 9.13 2.40
C ALA A 348 -9.77 9.59 3.77
N LYS A 349 -10.88 9.03 4.28
CA LYS A 349 -11.34 9.50 5.57
C LYS A 349 -10.48 9.01 6.73
N HIS A 350 -9.49 8.16 6.50
CA HIS A 350 -8.54 7.78 7.55
C HIS A 350 -7.30 8.67 7.59
N ILE A 351 -7.22 9.64 6.67
CA ILE A 351 -6.09 10.55 6.61
C ILE A 351 -6.19 11.56 7.75
N ILE A 352 -5.05 11.81 8.41
CA ILE A 352 -4.99 12.68 9.57
C ILE A 352 -4.27 13.95 9.18
N ASN A 353 -4.93 15.07 9.39
CA ASN A 353 -4.38 16.37 9.11
C ASN A 353 -4.09 17.10 10.42
N HIS A 354 -3.26 18.13 10.37
CA HIS A 354 -2.86 18.87 11.56
C HIS A 354 -2.93 20.35 11.18
N ALA A 355 -4.14 20.90 11.24
CA ALA A 355 -4.37 22.26 10.81
C ALA A 355 -4.16 23.21 11.99
N VAL A 356 -3.45 24.30 11.75
CA VAL A 356 -3.24 25.35 12.76
C VAL A 356 -3.73 26.66 12.18
N VAL A 357 -4.05 27.61 13.07
CA VAL A 357 -4.40 28.94 12.63
C VAL A 357 -3.14 29.66 12.15
N ASN A 358 -3.21 30.22 10.96
CA ASN A 358 -2.06 30.92 10.38
C ASN A 358 -2.22 32.40 10.69
N GLU A 359 -1.61 32.84 11.79
CA GLU A 359 -1.72 34.22 12.25
C GLU A 359 -0.40 34.64 12.87
N ASP A 360 -0.09 35.94 12.80
CA ASP A 360 1.08 36.44 13.52
C ASP A 360 0.70 36.68 14.98
N PRO A 361 1.69 36.92 15.85
CA PRO A 361 1.38 37.15 17.27
C PRO A 361 0.43 38.30 17.55
N ASN A 362 0.54 39.43 16.83
CA ASN A 362 -0.40 40.54 17.09
C ASN A 362 -1.82 40.13 16.78
N ALA A 363 -2.02 39.42 15.67
CA ALA A 363 -3.36 39.00 15.29
C ALA A 363 -3.97 38.12 16.36
N ARG A 364 -3.18 37.19 16.90
CA ARG A 364 -3.70 36.30 17.91
C ARG A 364 -4.11 37.07 19.17
N ILE A 365 -3.30 38.05 19.56
CA ILE A 365 -3.58 38.80 20.79
C ILE A 365 -4.77 39.71 20.59
N ILE A 366 -4.80 40.42 19.45
CA ILE A 366 -5.90 41.32 19.17
C ILE A 366 -7.21 40.54 19.03
N ARG A 367 -7.17 39.39 18.36
CA ARG A 367 -8.38 38.58 18.22
C ARG A 367 -8.92 38.12 19.58
N ASP A 368 -8.05 37.58 20.43
CA ASP A 368 -8.50 37.12 21.75
C ASP A 368 -9.09 38.28 22.55
N LEU A 369 -8.47 39.46 22.48
CA LEU A 369 -9.00 40.63 23.16
C LEU A 369 -10.39 41.01 22.65
N HIS A 370 -10.69 40.72 21.37
CA HIS A 370 -12.00 41.03 20.81
C HIS A 370 -13.03 39.97 21.17
N HIS A 371 -12.61 38.70 21.22
CA HIS A 371 -13.53 37.64 21.66
C HIS A 371 -13.92 37.81 23.12
N HIS A 372 -13.08 38.45 23.93
CA HIS A 372 -13.42 38.66 25.33
C HIS A 372 -14.49 39.74 25.49
N HIS A 373 -14.48 40.76 24.62
CA HIS A 373 -15.48 41.82 24.68
C HIS A 373 -16.80 41.40 24.00
N SER B 2 39.90 16.90 -12.06
CA SER B 2 40.16 16.83 -13.49
C SER B 2 40.40 15.38 -13.93
N LYS B 3 41.43 14.72 -13.40
CA LYS B 3 41.66 13.33 -13.75
C LYS B 3 40.73 12.41 -12.96
N VAL B 4 40.44 11.25 -13.55
CA VAL B 4 39.72 10.20 -12.83
C VAL B 4 40.58 9.74 -11.66
N LYS B 5 40.01 9.76 -10.46
CA LYS B 5 40.70 9.23 -9.29
C LYS B 5 40.57 7.71 -9.27
N VAL B 6 41.62 7.02 -8.83
CA VAL B 6 41.61 5.57 -8.87
C VAL B 6 42.08 5.05 -7.52
N ALA B 7 41.22 4.27 -6.89
CA ALA B 7 41.59 3.56 -5.68
C ALA B 7 41.58 2.08 -5.98
N VAL B 8 42.53 1.37 -5.40
CA VAL B 8 42.51 -0.09 -5.42
C VAL B 8 42.18 -0.56 -4.02
N ARG B 9 41.25 -1.50 -3.92
CA ARG B 9 40.88 -2.13 -2.67
C ARG B 9 41.25 -3.60 -2.73
N VAL B 10 42.17 -4.01 -1.85
CA VAL B 10 42.57 -5.39 -1.74
C VAL B 10 41.72 -6.05 -0.64
N ARG B 11 40.88 -7.00 -1.00
CA ARG B 11 40.14 -7.67 0.08
C ARG B 11 41.12 -8.60 0.80
N PRO B 12 40.90 -8.90 2.08
CA PRO B 12 41.84 -9.77 2.78
C PRO B 12 41.66 -11.23 2.38
N MET B 13 42.69 -12.02 2.65
CA MET B 13 42.65 -13.46 2.48
C MET B 13 41.42 -14.06 3.16
N ASN B 14 40.64 -14.86 2.41
CA ASN B 14 39.44 -15.41 3.01
C ASN B 14 39.75 -16.77 3.61
N ARG B 15 38.73 -17.38 4.19
CA ARG B 15 38.92 -18.66 4.89
C ARG B 15 39.45 -19.74 3.95
N ARG B 16 38.93 -19.80 2.72
CA ARG B 16 39.35 -20.81 1.76
C ARG B 16 40.82 -20.62 1.40
N GLU B 17 41.21 -19.38 1.11
CA GLU B 17 42.61 -19.10 0.76
C GLU B 17 43.55 -19.38 1.93
N ILE B 18 43.08 -19.20 3.17
CA ILE B 18 43.90 -19.52 4.33
C ILE B 18 43.98 -21.03 4.52
N ASP B 19 42.82 -21.70 4.52
CA ASP B 19 42.76 -23.14 4.75
C ASP B 19 43.61 -23.90 3.72
N LEU B 20 43.54 -23.49 2.46
CA LEU B 20 44.16 -24.23 1.37
C LEU B 20 45.57 -23.75 1.05
N HIS B 21 46.14 -22.86 1.88
CA HIS B 21 47.54 -22.44 1.77
C HIS B 21 47.84 -21.73 0.46
N THR B 22 46.83 -21.08 -0.13
CA THR B 22 47.07 -20.27 -1.32
C THR B 22 48.00 -19.12 -0.96
N LYS B 23 49.06 -18.96 -1.74
CA LYS B 23 50.05 -17.93 -1.44
C LYS B 23 49.48 -16.55 -1.71
N CYS B 24 49.70 -15.63 -0.78
CA CYS B 24 49.35 -14.22 -0.99
C CYS B 24 50.33 -13.59 -2.00
N VAL B 25 49.79 -12.96 -3.04
CA VAL B 25 50.63 -12.32 -4.06
C VAL B 25 50.55 -10.80 -4.04
N VAL B 26 49.57 -10.21 -3.36
CA VAL B 26 49.38 -8.75 -3.36
C VAL B 26 49.94 -8.17 -2.08
N ASP B 27 50.90 -7.26 -2.23
CA ASP B 27 51.36 -6.41 -1.14
C ASP B 27 50.96 -4.96 -1.41
N VAL B 28 50.60 -4.24 -0.36
CA VAL B 28 50.25 -2.82 -0.46
C VAL B 28 51.32 -2.01 0.25
N GLU B 29 51.78 -0.95 -0.40
CA GLU B 29 52.84 -0.07 0.12
C GLU B 29 52.37 1.36 -0.10
N ALA B 30 51.86 1.99 0.96
CA ALA B 30 51.21 3.29 0.85
C ALA B 30 50.16 3.25 -0.26
N ASN B 31 50.36 4.05 -1.31
CA ASN B 31 49.47 4.05 -2.47
C ASN B 31 50.00 3.15 -3.60
N LYS B 32 50.91 2.23 -3.30
CA LYS B 32 51.46 1.30 -4.29
C LYS B 32 50.98 -0.11 -4.01
N VAL B 33 50.72 -0.83 -5.10
CA VAL B 33 50.38 -2.24 -5.06
C VAL B 33 51.51 -2.98 -5.77
N ILE B 34 52.02 -4.01 -5.11
CA ILE B 34 53.03 -4.88 -5.66
C ILE B 34 52.37 -6.23 -5.93
N LEU B 35 52.33 -6.64 -7.19
CA LEU B 35 51.84 -7.95 -7.57
C LEU B 35 53.06 -8.86 -7.72
N ASN B 36 53.23 -9.78 -6.73
CA ASN B 36 54.30 -10.77 -6.69
C ASN B 36 54.00 -11.97 -7.60
N PRO B 37 55.01 -12.53 -8.25
CA PRO B 37 54.80 -13.73 -9.06
C PRO B 37 54.42 -14.93 -8.22
N ILE B 38 53.73 -15.87 -8.86
CA ILE B 38 53.40 -17.15 -8.22
C ILE B 38 54.67 -17.97 -7.99
N ASN B 39 55.67 -17.80 -8.85
CA ASN B 39 56.92 -18.57 -8.80
C ASN B 39 57.61 -18.47 -7.44
N ARG B 48 56.72 -11.05 -16.24
CA ARG B 48 56.33 -12.45 -16.08
C ARG B 48 56.75 -12.99 -14.70
N GLY B 49 58.06 -13.05 -14.47
CA GLY B 49 58.61 -13.53 -13.23
C GLY B 49 59.06 -12.44 -12.26
N GLN B 50 58.88 -11.18 -12.62
CA GLN B 50 59.20 -9.96 -11.90
C GLN B 50 57.98 -9.46 -11.12
N PRO B 51 58.15 -8.93 -9.91
CA PRO B 51 57.05 -8.18 -9.29
C PRO B 51 56.61 -7.07 -10.22
N LYS B 52 55.31 -6.82 -10.25
CA LYS B 52 54.77 -5.67 -10.97
C LYS B 52 54.30 -4.63 -9.97
N ILE B 53 54.66 -3.37 -10.20
CA ILE B 53 54.38 -2.28 -9.27
C ILE B 53 53.51 -1.22 -9.93
N PHE B 54 52.49 -0.76 -9.19
CA PHE B 54 51.58 0.27 -9.64
C PHE B 54 51.31 1.26 -8.50
N ALA B 55 51.08 2.51 -8.87
CA ALA B 55 50.71 3.56 -7.93
C ALA B 55 49.34 4.07 -8.31
N TYR B 56 48.55 4.39 -7.29
CA TYR B 56 47.16 4.84 -7.44
C TYR B 56 46.97 6.04 -6.53
N ASP B 57 45.75 6.59 -6.56
CA ASP B 57 45.47 7.70 -5.66
C ASP B 57 45.19 7.23 -4.25
N HIS B 58 44.62 6.02 -4.11
CA HIS B 58 44.41 5.41 -2.80
C HIS B 58 44.55 3.90 -2.93
N CYS B 59 45.06 3.30 -1.86
CA CYS B 59 44.97 1.86 -1.67
C CYS B 59 44.30 1.59 -0.33
N PHE B 60 43.37 0.65 -0.34
CA PHE B 60 42.69 0.18 0.86
C PHE B 60 43.05 -1.28 1.05
N TRP B 61 43.29 -1.66 2.30
CA TRP B 61 43.54 -3.06 2.62
C TRP B 61 43.20 -3.30 4.08
N SER B 62 43.24 -4.57 4.47
CA SER B 62 42.87 -4.99 5.81
C SER B 62 43.83 -6.07 6.27
N MET B 63 43.97 -6.20 7.59
CA MET B 63 44.86 -7.21 8.16
C MET B 63 44.25 -8.61 8.18
N ASP B 64 42.92 -8.71 8.15
CA ASP B 64 42.23 -9.99 8.29
C ASP B 64 40.75 -9.72 8.09
N GLU B 65 39.90 -10.72 8.36
CA GLU B 65 38.46 -10.63 8.21
C GLU B 65 37.74 -10.43 9.53
N SER B 66 38.46 -10.05 10.59
CA SER B 66 37.83 -9.74 11.86
C SER B 66 36.80 -8.65 11.68
N VAL B 67 35.74 -8.73 12.49
CA VAL B 67 34.70 -7.69 12.48
C VAL B 67 35.33 -6.32 12.64
N ARG B 68 36.29 -6.19 13.54
CA ARG B 68 36.91 -4.89 13.79
C ARG B 68 37.56 -4.35 12.53
N GLU B 69 38.33 -5.20 11.85
CA GLU B 69 39.00 -4.79 10.63
C GLU B 69 37.98 -4.43 9.56
N LYS B 70 36.89 -5.19 9.44
CA LYS B 70 35.92 -4.92 8.39
C LYS B 70 35.16 -3.62 8.65
N CYS B 71 34.75 -3.39 9.89
CA CYS B 71 34.15 -2.10 10.24
C CYS B 71 35.06 -0.95 9.85
N ALA B 72 36.34 -1.05 10.25
CA ALA B 72 37.32 -0.03 9.88
C ALA B 72 37.44 0.11 8.36
N GLY B 73 37.40 -1.01 7.63
CA GLY B 73 37.51 -0.95 6.17
C GLY B 73 36.39 -0.18 5.51
N GLN B 74 35.17 -0.48 5.85
CA GLN B 74 34.08 0.23 5.27
C GLN B 74 34.12 1.72 5.63
N ASP B 75 34.53 2.01 6.84
CA ASP B 75 34.61 3.41 7.26
C ASP B 75 35.73 4.14 6.53
N ASP B 76 36.90 3.48 6.36
CA ASP B 76 37.99 4.06 5.57
C ASP B 76 37.51 4.44 4.16
N VAL B 77 36.80 3.52 3.49
CA VAL B 77 36.36 3.78 2.12
C VAL B 77 35.40 4.97 2.09
N PHE B 78 34.46 5.01 3.02
CA PHE B 78 33.56 6.16 3.05
C PHE B 78 34.30 7.45 3.33
N LYS B 79 35.21 7.44 4.30
CA LYS B 79 35.93 8.67 4.64
C LYS B 79 36.71 9.19 3.45
N CYS B 80 37.29 8.28 2.66
CA CYS B 80 38.18 8.66 1.57
CA CYS B 80 38.17 8.69 1.57
C CYS B 80 37.45 8.94 0.25
N LEU B 81 36.35 8.23 -0.04
CA LEU B 81 35.64 8.42 -1.30
C LEU B 81 34.22 8.91 -1.12
N GLY B 82 33.51 8.41 -0.12
CA GLY B 82 32.10 8.73 0.01
C GLY B 82 31.87 10.17 0.42
N GLU B 83 32.65 10.64 1.40
CA GLU B 83 32.45 12.02 1.87
C GLU B 83 32.73 13.02 0.76
N ASN B 84 33.68 12.74 -0.12
CA ASN B 84 33.96 13.66 -1.20
C ASN B 84 32.91 13.59 -2.31
N ILE B 85 32.42 12.40 -2.66
CA ILE B 85 31.36 12.32 -3.66
C ILE B 85 30.12 13.05 -3.16
N LEU B 86 29.76 12.83 -1.89
CA LEU B 86 28.63 13.55 -1.29
C LEU B 86 28.81 15.06 -1.42
N GLN B 87 29.99 15.56 -1.06
CA GLN B 87 30.29 16.98 -1.22
C GLN B 87 30.22 17.40 -2.69
N ASN B 88 30.74 16.56 -3.59
CA ASN B 88 30.68 16.88 -5.01
C ASN B 88 29.25 17.14 -5.44
N ALA B 89 28.33 16.28 -4.99
CA ALA B 89 26.93 16.48 -5.35
C ALA B 89 26.39 17.77 -4.74
N PHE B 90 26.79 18.09 -3.51
CA PHE B 90 26.28 19.29 -2.86
C PHE B 90 26.83 20.55 -3.48
N ASP B 91 27.97 20.45 -4.18
CA ASP B 91 28.53 21.55 -4.96
C ASP B 91 27.96 21.61 -6.37
N GLY B 92 27.02 20.73 -6.72
CA GLY B 92 26.40 20.80 -8.03
C GLY B 92 27.13 20.06 -9.13
N TYR B 93 28.05 19.15 -8.76
CA TYR B 93 28.74 18.32 -9.75
C TYR B 93 28.02 17.00 -9.97
N ASN B 94 28.07 16.51 -11.21
CA ASN B 94 27.87 15.10 -11.45
C ASN B 94 29.08 14.35 -10.90
N ALA B 95 28.81 13.28 -10.17
CA ALA B 95 29.87 12.50 -9.54
C ALA B 95 29.55 11.02 -9.72
N CYS B 96 30.62 10.21 -9.85
CA CYS B 96 30.47 8.79 -10.13
C CYS B 96 31.52 7.98 -9.38
N ILE B 97 31.09 6.91 -8.71
CA ILE B 97 32.00 5.88 -8.22
C ILE B 97 31.61 4.57 -8.89
N PHE B 98 32.58 3.91 -9.50
CA PHE B 98 32.27 2.59 -10.05
C PHE B 98 33.31 1.60 -9.58
N ALA B 99 32.83 0.42 -9.19
CA ALA B 99 33.66 -0.65 -8.69
C ALA B 99 33.91 -1.65 -9.82
N TYR B 100 35.18 -1.96 -10.07
CA TYR B 100 35.63 -2.78 -11.20
C TYR B 100 36.51 -3.89 -10.65
N GLY B 101 36.27 -5.13 -11.07
CA GLY B 101 37.13 -6.21 -10.62
C GLY B 101 36.48 -7.56 -10.81
N GLN B 102 37.28 -8.59 -10.51
CA GLN B 102 36.89 -9.99 -10.74
C GLN B 102 35.77 -10.40 -9.80
N THR B 103 34.90 -11.32 -10.25
CA THR B 103 33.90 -11.87 -9.35
C THR B 103 34.58 -12.37 -8.08
N GLY B 104 34.02 -12.02 -6.94
CA GLY B 104 34.57 -12.41 -5.66
C GLY B 104 35.60 -11.47 -5.08
N SER B 105 35.97 -10.40 -5.81
CA SER B 105 37.01 -9.47 -5.35
C SER B 105 36.49 -8.38 -4.39
N GLY B 106 35.20 -8.03 -4.42
CA GLY B 106 34.64 -7.17 -3.39
C GLY B 106 33.85 -5.98 -3.90
N LYS B 107 33.37 -6.05 -5.14
CA LYS B 107 32.64 -4.93 -5.74
C LYS B 107 31.36 -4.63 -4.98
N SER B 108 30.54 -5.67 -4.72
CA SER B 108 29.26 -5.45 -4.07
C SER B 108 29.45 -5.10 -2.62
N TYR B 109 30.40 -5.80 -1.97
CA TYR B 109 30.77 -5.48 -0.60
C TYR B 109 31.15 -4.02 -0.46
N THR B 110 31.87 -3.48 -1.45
CA THR B 110 32.28 -2.07 -1.39
C THR B 110 31.13 -1.13 -1.70
N MET B 111 30.31 -1.45 -2.71
CA MET B 111 29.29 -0.49 -3.14
C MET B 111 28.07 -0.51 -2.21
N MET B 112 27.55 -1.69 -1.91
CA MET B 112 26.39 -1.85 -1.06
C MET B 112 26.77 -2.36 0.32
N GLY B 113 27.74 -3.26 0.39
CA GLY B 113 28.06 -3.96 1.62
C GLY B 113 26.95 -4.92 2.02
N THR B 114 26.98 -5.31 3.28
CA THR B 114 26.01 -6.22 3.87
C THR B 114 25.29 -5.53 5.03
N ALA B 115 24.29 -6.23 5.58
CA ALA B 115 23.56 -5.71 6.74
C ALA B 115 24.50 -5.47 7.91
N ASP B 116 25.46 -6.37 8.12
CA ASP B 116 26.47 -6.20 9.17
C ASP B 116 27.55 -5.19 8.78
N GLN B 117 27.81 -4.99 7.49
CA GLN B 117 28.95 -4.18 7.03
C GLN B 117 28.51 -3.29 5.88
N PRO B 118 27.71 -2.25 6.17
CA PRO B 118 27.19 -1.39 5.09
C PRO B 118 28.32 -0.75 4.31
N GLY B 119 28.13 -0.63 3.00
CA GLY B 119 29.09 -0.02 2.11
C GLY B 119 28.75 1.42 1.76
N LEU B 120 29.27 1.86 0.62
CA LEU B 120 29.16 3.27 0.23
C LEU B 120 27.71 3.72 0.07
N ILE B 121 26.90 2.96 -0.69
CA ILE B 121 25.57 3.43 -1.05
C ILE B 121 24.71 3.71 0.18
N PRO B 122 24.56 2.78 1.16
CA PRO B 122 23.77 3.14 2.36
C PRO B 122 24.37 4.29 3.16
N ARG B 123 25.69 4.41 3.25
CA ARG B 123 26.27 5.52 4.02
C ARG B 123 26.04 6.84 3.32
N LEU B 124 26.10 6.84 1.98
CA LEU B 124 25.86 8.07 1.23
C LEU B 124 24.40 8.49 1.34
N CYS B 125 23.48 7.53 1.24
CA CYS B 125 22.07 7.86 1.37
C CYS B 125 21.78 8.43 2.75
N SER B 126 22.25 7.76 3.81
CA SER B 126 22.09 8.29 5.15
C SER B 126 22.71 9.67 5.27
N GLY B 127 23.96 9.81 4.81
CA GLY B 127 24.63 11.11 4.87
C GLY B 127 23.93 12.17 4.06
N LEU B 128 23.33 11.79 2.93
CA LEU B 128 22.65 12.77 2.09
C LEU B 128 21.51 13.46 2.86
N PHE B 129 20.61 12.69 3.45
CA PHE B 129 19.46 13.28 4.15
C PHE B 129 19.87 13.94 5.46
N GLU B 130 20.86 13.40 6.16
CA GLU B 130 21.36 14.09 7.34
C GLU B 130 21.85 15.49 6.96
N ARG B 131 22.49 15.61 5.81
CA ARG B 131 23.01 16.92 5.43
C ARG B 131 21.91 17.86 4.93
N THR B 132 20.96 17.38 4.10
CA THR B 132 19.89 18.25 3.62
C THR B 132 19.02 18.74 4.78
N GLN B 133 18.72 17.86 5.74
CA GLN B 133 17.91 18.30 6.88
C GLN B 133 18.65 19.31 7.74
N LYS B 134 19.98 19.24 7.78
CA LYS B 134 20.78 20.17 8.55
C LYS B 134 21.01 21.48 7.82
N GLU B 135 20.80 21.53 6.51
CA GLU B 135 21.16 22.71 5.74
C GLU B 135 19.97 23.48 5.19
N GLU B 136 18.79 22.88 5.13
CA GLU B 136 17.69 23.61 4.52
C GLU B 136 17.25 24.73 5.46
N ASN B 137 16.94 25.87 4.88
CA ASN B 137 16.51 27.03 5.64
C ASN B 137 15.73 27.94 4.69
N GLU B 138 15.60 29.21 5.06
CA GLU B 138 14.80 30.15 4.28
C GLU B 138 15.40 30.42 2.91
N GLU B 139 16.71 30.25 2.77
CA GLU B 139 17.34 30.58 1.50
C GLU B 139 17.60 29.37 0.62
N GLN B 140 17.35 28.14 1.10
CA GLN B 140 17.73 26.97 0.32
C GLN B 140 16.92 25.76 0.73
N SER B 141 16.58 24.94 -0.24
CA SER B 141 15.90 23.68 0.02
C SER B 141 16.46 22.64 -0.95
N PHE B 142 16.12 21.38 -0.67
CA PHE B 142 16.72 20.26 -1.39
C PHE B 142 15.65 19.24 -1.77
N LYS B 143 15.77 18.72 -2.98
CA LYS B 143 14.95 17.62 -3.46
C LYS B 143 15.85 16.46 -3.83
N VAL B 144 15.46 15.24 -3.45
CA VAL B 144 16.25 14.04 -3.71
C VAL B 144 15.40 13.04 -4.49
N GLU B 145 15.95 12.57 -5.62
CA GLU B 145 15.34 11.53 -6.45
C GLU B 145 16.33 10.37 -6.61
N VAL B 146 15.81 9.16 -6.68
CA VAL B 146 16.64 7.97 -6.81
C VAL B 146 16.12 7.11 -7.95
N SER B 147 17.06 6.42 -8.60
CA SER B 147 16.81 5.38 -9.58
C SER B 147 17.77 4.24 -9.33
N TYR B 148 17.38 3.04 -9.70
CA TYR B 148 18.19 1.85 -9.50
C TYR B 148 17.91 0.90 -10.65
N MET B 149 18.96 0.56 -11.40
CA MET B 149 18.78 -0.20 -12.64
C MET B 149 19.84 -1.28 -12.70
N GLU B 150 19.55 -2.28 -13.51
CA GLU B 150 20.44 -3.39 -13.79
C GLU B 150 20.63 -3.49 -15.29
N ILE B 151 21.87 -3.77 -15.71
CA ILE B 151 22.18 -4.02 -17.11
C ILE B 151 22.60 -5.48 -17.24
N TYR B 152 21.88 -6.25 -18.04
CA TYR B 152 22.20 -7.65 -18.24
C TYR B 152 21.98 -7.99 -19.71
N ASN B 153 23.01 -8.53 -20.36
CA ASN B 153 22.93 -8.89 -21.77
C ASN B 153 22.41 -7.73 -22.60
N GLU B 154 22.91 -6.52 -22.29
CA GLU B 154 22.58 -5.26 -22.98
C GLU B 154 21.12 -4.85 -22.81
N LYS B 155 20.41 -5.39 -21.83
CA LYS B 155 19.06 -4.96 -21.49
C LYS B 155 19.07 -4.28 -20.12
N VAL B 156 18.22 -3.27 -19.95
CA VAL B 156 18.08 -2.53 -18.70
C VAL B 156 16.76 -2.91 -18.06
N ARG B 157 16.80 -3.28 -16.78
CA ARG B 157 15.61 -3.52 -15.99
C ARG B 157 15.56 -2.51 -14.84
N ASP B 158 14.35 -2.02 -14.55
CA ASP B 158 14.15 -1.10 -13.43
C ASP B 158 14.05 -1.92 -12.16
N LEU B 159 15.04 -1.76 -11.28
CA LEU B 159 15.03 -2.51 -10.03
C LEU B 159 14.05 -1.97 -8.99
N LEU B 160 13.45 -0.80 -9.22
CA LEU B 160 12.41 -0.29 -8.31
C LEU B 160 11.02 -0.38 -8.93
N ASP B 161 10.86 -1.14 -10.03
CA ASP B 161 9.61 -1.24 -10.80
C ASP B 161 9.63 -2.31 -11.89
N ARG B 166 11.48 -8.80 -16.28
CA ARG B 166 10.42 -7.81 -16.38
C ARG B 166 10.48 -7.10 -17.73
N GLN B 167 9.86 -5.92 -17.79
CA GLN B 167 9.93 -5.12 -19.01
C GLN B 167 11.34 -4.59 -19.22
N THR B 168 11.71 -4.37 -20.48
CA THR B 168 13.01 -3.83 -20.84
C THR B 168 12.86 -2.45 -21.46
N LEU B 169 13.75 -1.55 -21.05
CA LEU B 169 13.74 -0.16 -21.48
C LEU B 169 14.97 0.11 -22.34
N LYS B 170 14.87 1.15 -23.17
CA LYS B 170 15.89 1.45 -24.15
C LYS B 170 16.66 2.69 -23.72
N VAL B 171 17.98 2.68 -23.94
CA VAL B 171 18.78 3.89 -23.74
C VAL B 171 18.54 4.84 -24.91
N ARG B 172 18.28 6.08 -24.59
CA ARG B 172 18.14 7.15 -25.57
C ARG B 172 19.16 8.23 -25.27
N GLU B 173 19.42 9.06 -26.26
CA GLU B 173 20.28 10.20 -26.03
C GLU B 173 19.59 11.44 -26.57
N HIS B 174 19.68 12.51 -25.81
CA HIS B 174 19.10 13.78 -26.19
C HIS B 174 20.17 14.87 -26.15
N SER B 175 20.08 15.79 -27.11
CA SER B 175 21.09 16.82 -27.32
C SER B 175 21.29 17.73 -26.09
N VAL B 176 20.34 17.76 -25.17
CA VAL B 176 20.46 18.47 -23.91
C VAL B 176 20.51 17.52 -22.73
N LEU B 177 19.53 16.60 -22.63
CA LEU B 177 19.47 15.64 -21.53
C LEU B 177 20.77 14.85 -21.38
N GLY B 178 21.43 14.51 -22.48
CA GLY B 178 22.46 13.50 -22.42
C GLY B 178 21.81 12.15 -22.46
N PRO B 179 22.57 11.07 -22.31
CA PRO B 179 21.98 9.72 -22.35
C PRO B 179 21.15 9.43 -21.11
N TYR B 180 20.08 8.66 -21.30
CA TYR B 180 19.14 8.34 -20.24
C TYR B 180 18.37 7.08 -20.61
N VAL B 181 17.84 6.39 -19.59
CA VAL B 181 17.04 5.17 -19.78
C VAL B 181 15.58 5.56 -19.85
N ASP B 182 14.95 5.34 -21.02
CA ASP B 182 13.59 5.77 -21.27
C ASP B 182 12.61 4.85 -20.56
N GLY B 183 11.79 5.42 -19.68
CA GLY B 183 10.88 4.65 -18.85
C GLY B 183 11.43 4.23 -17.50
N LEU B 184 12.61 4.70 -17.11
CA LEU B 184 13.18 4.35 -15.82
C LEU B 184 12.53 5.20 -14.72
N SER B 185 12.05 4.55 -13.66
CA SER B 185 11.49 5.26 -12.51
C SER B 185 12.53 6.21 -11.92
N LYS B 186 12.08 7.40 -11.54
CA LYS B 186 12.89 8.36 -10.78
C LYS B 186 12.02 8.82 -9.61
N LEU B 187 12.31 8.37 -8.40
CA LEU B 187 11.39 8.53 -7.29
C LEU B 187 11.93 9.58 -6.34
N ALA B 188 11.12 10.59 -6.07
CA ALA B 188 11.49 11.57 -5.06
C ALA B 188 11.36 10.91 -3.69
N VAL B 189 12.40 11.03 -2.88
CA VAL B 189 12.46 10.43 -1.55
C VAL B 189 12.80 11.53 -0.57
N THR B 190 12.34 11.38 0.67
CA THR B 190 12.61 12.38 1.70
C THR B 190 13.27 11.80 2.95
N SER B 191 13.55 10.50 2.99
CA SER B 191 14.19 9.95 4.17
C SER B 191 14.93 8.70 3.79
N TYR B 192 15.90 8.35 4.64
CA TYR B 192 16.63 7.11 4.47
C TYR B 192 15.68 5.92 4.32
N LYS B 193 14.62 5.90 5.14
CA LYS B 193 13.67 4.80 5.16
C LYS B 193 12.93 4.66 3.84
N ASP B 194 12.71 5.77 3.13
CA ASP B 194 12.02 5.69 1.84
C ASP B 194 12.85 4.95 0.81
N ILE B 195 14.11 5.37 0.66
CA ILE B 195 15.01 4.64 -0.22
C ILE B 195 15.08 3.19 0.22
N GLU B 196 15.25 2.98 1.53
CA GLU B 196 15.42 1.64 2.06
C GLU B 196 14.22 0.76 1.69
N SER B 197 13.01 1.28 1.87
CA SER B 197 11.83 0.49 1.52
C SER B 197 11.74 0.28 0.01
N LEU B 198 11.95 1.35 -0.77
CA LEU B 198 12.08 1.18 -2.22
C LEU B 198 13.10 0.10 -2.54
N MET B 199 14.27 0.20 -1.91
CA MET B 199 15.48 -0.47 -2.35
C MET B 199 15.56 -1.92 -1.90
N SER B 200 15.09 -2.22 -0.70
CA SER B 200 15.14 -3.60 -0.25
C SER B 200 14.42 -4.51 -1.23
N GLU B 201 13.34 -4.00 -1.84
CA GLU B 201 12.70 -4.72 -2.93
C GLU B 201 13.50 -4.64 -4.23
N GLY B 202 14.39 -3.65 -4.34
CA GLY B 202 15.25 -3.50 -5.50
C GLY B 202 16.40 -4.48 -5.51
N ASN B 203 17.19 -4.49 -4.44
CA ASN B 203 18.19 -5.54 -4.25
C ASN B 203 17.56 -6.94 -4.29
N LYS B 204 16.27 -7.05 -3.95
CA LYS B 204 15.55 -8.31 -4.04
C LYS B 204 15.31 -8.73 -5.49
N SER B 205 15.29 -7.79 -6.43
CA SER B 205 14.92 -8.01 -7.82
C SER B 205 16.11 -8.23 -8.74
N ARG B 206 17.33 -8.35 -8.19
CA ARG B 206 18.53 -8.51 -9.01
C ARG B 206 18.65 -9.91 -9.60
N SER B 217 23.76 -12.69 -10.09
CA SER B 217 24.54 -12.88 -11.30
C SER B 217 25.80 -12.01 -11.31
N SER B 218 26.89 -12.64 -11.73
CA SER B 218 28.18 -11.98 -11.86
C SER B 218 28.37 -11.35 -13.24
N ARG B 219 27.41 -11.53 -14.13
CA ARG B 219 27.44 -10.95 -15.47
C ARG B 219 26.59 -9.70 -15.61
N SER B 220 25.92 -9.24 -14.55
CA SER B 220 25.10 -8.03 -14.63
C SER B 220 25.79 -6.84 -13.97
N HIS B 221 25.44 -5.64 -14.44
CA HIS B 221 25.87 -4.38 -13.85
C HIS B 221 24.70 -3.75 -13.14
N ALA B 222 24.96 -3.12 -11.99
CA ALA B 222 23.94 -2.41 -11.24
C ALA B 222 24.33 -0.94 -11.10
N VAL B 223 23.39 -0.05 -11.38
CA VAL B 223 23.65 1.39 -11.33
C VAL B 223 22.65 2.06 -10.39
N PHE B 224 23.14 2.63 -9.30
CA PHE B 224 22.27 3.33 -8.37
C PHE B 224 22.50 4.83 -8.53
N LYS B 225 21.43 5.59 -8.72
CA LYS B 225 21.55 6.99 -9.11
C LYS B 225 20.75 7.89 -8.18
N ILE B 226 21.41 8.92 -7.64
CA ILE B 226 20.78 9.94 -6.81
C ILE B 226 20.97 11.29 -7.47
N THR B 227 19.86 12.01 -7.63
CA THR B 227 19.92 13.37 -8.11
C THR B 227 19.52 14.30 -6.97
N LEU B 228 20.41 15.25 -6.67
CA LEU B 228 20.27 16.23 -5.61
C LEU B 228 20.01 17.59 -6.25
N THR B 229 18.80 18.12 -6.07
CA THR B 229 18.42 19.42 -6.61
C THR B 229 18.42 20.43 -5.47
N HIS B 230 19.36 21.38 -5.54
CA HIS B 230 19.52 22.44 -4.55
C HIS B 230 18.85 23.68 -5.10
N THR B 231 17.73 24.07 -4.49
CA THR B 231 17.04 25.28 -4.89
C THR B 231 17.47 26.41 -3.96
N LEU B 232 18.03 27.46 -4.53
CA LEU B 232 18.41 28.65 -3.78
C LEU B 232 17.38 29.76 -3.96
N TYR B 233 16.99 30.40 -2.87
CA TYR B 233 15.99 31.44 -2.88
C TYR B 233 16.64 32.76 -2.47
N ASP B 234 16.42 33.79 -3.27
CA ASP B 234 16.69 35.17 -2.87
C ASP B 234 15.37 35.72 -2.34
N VAL B 235 15.19 35.64 -1.02
CA VAL B 235 13.95 36.11 -0.42
C VAL B 235 13.78 37.60 -0.62
N LYS B 236 14.86 38.31 -0.96
CA LYS B 236 14.75 39.72 -1.36
C LYS B 236 13.81 39.87 -2.54
N SER B 237 14.12 39.24 -3.68
CA SER B 237 13.36 39.41 -4.90
C SER B 237 12.32 38.33 -5.14
N GLY B 238 12.20 37.36 -4.23
CA GLY B 238 11.31 36.24 -4.48
C GLY B 238 11.73 35.36 -5.64
N THR B 239 12.97 35.51 -6.11
CA THR B 239 13.49 34.74 -7.23
C THR B 239 14.30 33.56 -6.72
N SER B 240 14.35 32.48 -7.52
CA SER B 240 15.02 31.25 -7.14
C SER B 240 15.89 30.72 -8.27
N GLY B 241 16.78 29.80 -7.92
CA GLY B 241 17.61 29.11 -8.89
C GLY B 241 17.96 27.71 -8.41
N GLU B 242 18.33 26.85 -9.37
CA GLU B 242 18.53 25.44 -9.10
C GLU B 242 19.93 24.96 -9.50
N LYS B 243 20.54 24.18 -8.61
CA LYS B 243 21.84 23.58 -8.80
C LYS B 243 21.68 22.08 -8.62
N VAL B 244 22.07 21.30 -9.63
CA VAL B 244 21.72 19.89 -9.68
C VAL B 244 23.00 19.08 -9.65
N GLY B 245 23.20 18.34 -8.56
CA GLY B 245 24.28 17.37 -8.47
C GLY B 245 23.72 15.97 -8.66
N LYS B 246 24.46 15.14 -9.38
CA LYS B 246 24.07 13.75 -9.65
C LYS B 246 25.11 12.81 -9.05
N LEU B 247 24.64 11.73 -8.43
CA LEU B 247 25.49 10.66 -7.95
C LEU B 247 25.16 9.41 -8.75
N SER B 248 26.20 8.78 -9.30
CA SER B 248 26.06 7.49 -9.96
C SER B 248 26.97 6.52 -9.24
N LEU B 249 26.38 5.49 -8.64
CA LEU B 249 27.12 4.47 -7.89
C LEU B 249 26.96 3.15 -8.62
N VAL B 250 28.06 2.68 -9.22
CA VAL B 250 28.03 1.60 -10.19
C VAL B 250 28.73 0.37 -9.62
N ASP B 251 28.04 -0.77 -9.64
CA ASP B 251 28.59 -2.07 -9.25
C ASP B 251 28.63 -2.92 -10.52
N LEU B 252 29.82 -3.10 -11.08
CA LEU B 252 29.97 -3.67 -12.41
C LEU B 252 29.91 -5.19 -12.38
N ALA B 253 29.72 -5.79 -13.55
CA ALA B 253 29.87 -7.21 -13.70
C ALA B 253 31.32 -7.60 -13.48
N GLY B 254 31.54 -8.90 -13.25
CA GLY B 254 32.87 -9.39 -12.95
C GLY B 254 33.78 -9.28 -14.14
N SER B 255 34.96 -8.71 -13.93
CA SER B 255 35.85 -8.33 -15.02
C SER B 255 36.46 -9.54 -15.72
N GLU B 256 36.41 -10.72 -15.12
CA GLU B 256 37.00 -11.90 -15.75
C GLU B 256 36.24 -12.32 -17.00
N ARG B 257 34.97 -11.90 -17.13
CA ARG B 257 34.12 -12.32 -18.25
C ARG B 257 33.82 -11.17 -19.20
N ASN B 273 25.34 -8.81 -26.74
CA ASN B 273 26.19 -9.87 -26.17
C ASN B 273 26.28 -9.74 -24.64
N ILE B 274 26.52 -10.86 -23.95
CA ILE B 274 26.45 -10.84 -22.50
C ILE B 274 27.61 -10.04 -21.89
N ASN B 275 28.76 -10.00 -22.55
CA ASN B 275 29.92 -9.26 -22.03
C ASN B 275 30.22 -8.01 -22.82
N LYS B 276 29.30 -7.59 -23.71
CA LYS B 276 29.56 -6.43 -24.55
C LYS B 276 29.90 -5.19 -23.72
N SER B 277 29.07 -4.90 -22.71
CA SER B 277 29.29 -3.69 -21.92
C SER B 277 30.64 -3.72 -21.21
N LEU B 278 31.02 -4.88 -20.70
CA LEU B 278 32.29 -5.02 -20.00
C LEU B 278 33.46 -4.84 -20.98
N THR B 279 33.39 -5.50 -22.14
CA THR B 279 34.44 -5.36 -23.14
C THR B 279 34.54 -3.94 -23.65
N THR B 280 33.40 -3.27 -23.83
CA THR B 280 33.44 -1.91 -24.35
C THR B 280 34.03 -0.95 -23.32
N LEU B 281 33.76 -1.18 -22.02
CA LEU B 281 34.34 -0.34 -20.98
C LEU B 281 35.87 -0.42 -21.00
N GLY B 282 36.42 -1.61 -21.17
CA GLY B 282 37.87 -1.71 -21.32
C GLY B 282 38.39 -0.93 -22.51
N LEU B 283 37.70 -1.04 -23.66
CA LEU B 283 38.10 -0.24 -24.81
C LEU B 283 37.94 1.26 -24.52
N VAL B 284 36.89 1.63 -23.80
CA VAL B 284 36.67 3.05 -23.50
C VAL B 284 37.81 3.56 -22.63
N ILE B 285 38.15 2.81 -21.58
CA ILE B 285 39.21 3.21 -20.66
C ILE B 285 40.53 3.32 -21.39
N SER B 286 40.82 2.34 -22.25
CA SER B 286 42.07 2.32 -23.01
C SER B 286 42.17 3.54 -23.92
N ALA B 287 41.10 3.83 -24.66
CA ALA B 287 41.16 4.92 -25.62
C ALA B 287 41.32 6.25 -24.91
N LEU B 288 40.58 6.46 -23.81
CA LEU B 288 40.68 7.71 -23.05
C LEU B 288 42.04 7.85 -22.41
N ALA B 289 42.58 6.75 -21.86
CA ALA B 289 43.92 6.77 -21.29
C ALA B 289 44.97 7.20 -22.33
N ASP B 290 44.80 6.75 -23.58
CA ASP B 290 45.72 7.16 -24.64
C ASP B 290 45.64 8.66 -24.95
N GLN B 291 44.54 9.32 -24.59
CA GLN B 291 44.39 10.76 -24.76
C GLN B 291 44.76 11.53 -23.49
N GLY B 292 45.42 10.90 -22.52
CA GLY B 292 45.93 11.62 -21.38
C GLY B 292 47.39 11.97 -21.60
N ALA B 293 48.07 11.12 -22.37
CA ALA B 293 49.46 11.33 -22.77
C ALA B 293 49.59 11.38 -24.29
N GLY B 294 50.72 10.95 -24.83
CA GLY B 294 50.92 10.99 -26.27
C GLY B 294 50.00 10.01 -26.98
N LYS B 295 49.38 10.48 -28.06
CA LYS B 295 48.34 9.81 -28.89
C LYS B 295 46.94 10.11 -28.37
N ASN B 298 44.66 10.85 -30.97
CA ASN B 298 43.26 10.79 -30.55
C ASN B 298 42.55 9.62 -31.23
N LYS B 299 42.54 8.47 -30.55
CA LYS B 299 41.80 7.30 -31.01
C LYS B 299 40.31 7.47 -30.70
N PHE B 300 39.50 6.72 -31.45
CA PHE B 300 38.05 6.81 -31.32
C PHE B 300 37.58 6.11 -30.03
N VAL B 301 36.84 6.83 -29.20
CA VAL B 301 36.37 6.32 -27.91
C VAL B 301 34.98 5.73 -28.14
N PRO B 302 34.81 4.41 -28.08
CA PRO B 302 33.54 3.78 -28.53
C PRO B 302 32.42 3.82 -27.49
N TYR B 303 32.09 5.03 -27.03
CA TYR B 303 31.09 5.23 -25.97
C TYR B 303 29.78 4.52 -26.27
N ARG B 304 29.23 4.75 -27.44
CA ARG B 304 27.90 4.31 -27.80
C ARG B 304 27.85 2.89 -28.29
N ASP B 305 28.89 2.10 -28.09
CA ASP B 305 28.86 0.70 -28.49
C ASP B 305 28.31 -0.24 -27.41
N SER B 306 27.90 0.28 -26.26
CA SER B 306 27.31 -0.58 -25.24
C SER B 306 26.37 0.27 -24.39
N VAL B 307 25.43 -0.40 -23.72
CA VAL B 307 24.51 0.32 -22.84
C VAL B 307 25.28 0.96 -21.69
N LEU B 308 26.20 0.22 -21.09
CA LEU B 308 26.94 0.71 -19.94
C LEU B 308 27.76 1.96 -20.29
N THR B 309 28.66 1.85 -21.27
CA THR B 309 29.51 2.99 -21.56
C THR B 309 28.73 4.14 -22.18
N TRP B 310 27.59 3.88 -22.80
CA TRP B 310 26.75 4.99 -23.29
C TRP B 310 26.20 5.80 -22.12
N LEU B 311 25.55 5.12 -21.17
CA LEU B 311 25.05 5.77 -19.97
C LEU B 311 26.15 6.47 -19.15
N LEU B 312 27.35 5.92 -19.12
CA LEU B 312 28.45 6.53 -18.36
C LEU B 312 29.32 7.43 -19.21
N LYS B 313 28.81 7.88 -20.36
CA LYS B 313 29.65 8.67 -21.25
C LYS B 313 30.24 9.88 -20.53
N ASP B 314 29.44 10.56 -19.70
CA ASP B 314 29.96 11.71 -18.93
C ASP B 314 30.93 11.27 -17.84
N SER B 315 30.74 10.08 -17.28
CA SER B 315 31.56 9.65 -16.14
C SER B 315 33.00 9.35 -16.53
N LEU B 316 33.26 9.07 -17.81
CA LEU B 316 34.62 8.81 -18.27
C LEU B 316 34.94 9.75 -19.42
N GLY B 317 35.82 10.74 -19.17
CA GLY B 317 36.19 11.73 -20.16
C GLY B 317 35.31 12.95 -20.23
N GLY B 318 34.28 13.06 -19.39
CA GLY B 318 33.25 14.07 -19.59
C GLY B 318 32.98 14.92 -18.36
N ASN B 319 31.71 15.32 -18.22
CA ASN B 319 31.29 16.27 -17.17
C ASN B 319 30.93 15.51 -15.90
N SER B 320 31.96 15.07 -15.19
CA SER B 320 31.76 14.34 -13.94
C SER B 320 33.04 14.34 -13.13
N LYS B 321 32.89 14.33 -11.81
CA LYS B 321 33.97 13.95 -10.91
C LYS B 321 33.82 12.45 -10.64
N THR B 322 34.81 11.68 -11.07
CA THR B 322 34.66 10.24 -11.12
C THR B 322 35.81 9.61 -10.36
N ALA B 323 35.47 8.60 -9.57
CA ALA B 323 36.44 7.73 -8.91
C ALA B 323 36.19 6.29 -9.37
N MET B 324 37.25 5.59 -9.74
CA MET B 324 37.19 4.15 -9.93
C MET B 324 37.69 3.47 -8.67
N VAL B 325 36.94 2.51 -8.17
CA VAL B 325 37.45 1.56 -7.17
C VAL B 325 37.75 0.22 -7.84
N ALA B 326 39.03 -0.10 -7.98
CA ALA B 326 39.43 -1.40 -8.52
C ALA B 326 39.61 -2.39 -7.38
N THR B 327 38.77 -3.42 -7.35
CA THR B 327 38.83 -4.43 -6.31
C THR B 327 39.63 -5.63 -6.81
N VAL B 328 40.54 -6.15 -5.97
CA VAL B 328 41.39 -7.28 -6.34
C VAL B 328 41.37 -8.30 -5.20
N SER B 329 41.31 -9.55 -5.55
CA SER B 329 41.55 -10.61 -4.60
C SER B 329 43.06 -10.76 -4.40
N PRO B 330 43.51 -11.25 -3.24
CA PRO B 330 44.93 -11.15 -2.90
C PRO B 330 45.81 -12.37 -3.18
N ALA B 331 45.29 -13.48 -3.70
CA ALA B 331 46.06 -14.73 -3.69
C ALA B 331 46.44 -15.21 -5.09
N ALA B 332 47.36 -16.18 -5.10
CA ALA B 332 48.04 -16.60 -6.33
C ALA B 332 47.08 -17.17 -7.36
N ASP B 333 46.01 -17.84 -6.91
CA ASP B 333 45.02 -18.44 -7.81
C ASP B 333 44.30 -17.41 -8.68
N ASN B 334 44.43 -16.11 -8.39
CA ASN B 334 43.82 -15.05 -9.19
C ASN B 334 44.84 -14.08 -9.76
N TYR B 335 46.12 -14.47 -9.80
CA TYR B 335 47.17 -13.57 -10.30
C TYR B 335 46.74 -12.84 -11.56
N ASP B 336 46.29 -13.59 -12.58
CA ASP B 336 46.12 -12.98 -13.89
C ASP B 336 44.95 -12.01 -13.93
N GLU B 337 43.81 -12.38 -13.32
CA GLU B 337 42.71 -11.42 -13.28
C GLU B 337 43.09 -10.21 -12.46
N THR B 338 43.95 -10.38 -11.45
CA THR B 338 44.38 -9.24 -10.64
C THR B 338 45.25 -8.33 -11.46
N LEU B 339 46.22 -8.89 -12.19
CA LEU B 339 47.09 -8.08 -13.04
C LEU B 339 46.28 -7.26 -14.03
N SER B 340 45.28 -7.88 -14.67
CA SER B 340 44.44 -7.17 -15.62
C SER B 340 43.67 -6.03 -14.95
N THR B 341 43.16 -6.26 -13.73
CA THR B 341 42.45 -5.20 -13.01
C THR B 341 43.38 -4.03 -12.69
N LEU B 342 44.59 -4.36 -12.21
CA LEU B 342 45.59 -3.33 -11.90
C LEU B 342 45.97 -2.54 -13.13
N ARG B 343 46.10 -3.21 -14.28
CA ARG B 343 46.48 -2.50 -15.50
C ARG B 343 45.38 -1.54 -15.96
N TYR B 344 44.12 -1.99 -15.97
CA TYR B 344 43.05 -1.06 -16.31
C TYR B 344 42.97 0.09 -15.33
N ALA B 345 43.10 -0.21 -14.04
CA ALA B 345 43.03 0.87 -13.05
C ALA B 345 44.18 1.86 -13.26
N ASP B 346 45.33 1.36 -13.70
CA ASP B 346 46.47 2.23 -13.98
C ASP B 346 46.22 3.09 -15.22
N ARG B 347 45.52 2.57 -16.21
CA ARG B 347 45.18 3.39 -17.37
C ARG B 347 44.12 4.43 -17.01
N ALA B 348 43.09 4.03 -16.24
CA ALA B 348 41.99 4.95 -15.93
C ALA B 348 42.48 6.22 -15.25
N LYS B 349 43.55 6.16 -14.47
CA LYS B 349 44.01 7.37 -13.78
C LYS B 349 44.57 8.42 -14.73
N HIS B 350 44.74 8.09 -16.00
CA HIS B 350 45.15 9.07 -17.00
C HIS B 350 43.96 9.71 -17.71
N ILE B 351 42.74 9.27 -17.41
CA ILE B 351 41.56 9.82 -18.06
C ILE B 351 41.30 11.23 -17.52
N ILE B 352 41.09 12.18 -18.44
CA ILE B 352 40.88 13.58 -18.06
C ILE B 352 39.38 13.88 -18.16
N ASN B 353 38.78 14.26 -17.04
CA ASN B 353 37.38 14.65 -17.01
C ASN B 353 37.26 16.18 -17.01
N HIS B 354 36.10 16.67 -17.45
CA HIS B 354 35.85 18.11 -17.57
C HIS B 354 34.56 18.46 -16.81
N ALA B 355 34.63 18.45 -15.48
CA ALA B 355 33.45 18.63 -14.65
C ALA B 355 33.19 20.10 -14.36
N VAL B 356 31.92 20.50 -14.46
CA VAL B 356 31.50 21.86 -14.11
C VAL B 356 30.28 21.80 -13.21
N VAL B 357 30.02 22.92 -12.54
CA VAL B 357 28.82 23.05 -11.72
C VAL B 357 27.59 23.11 -12.63
N ASN B 358 26.63 22.22 -12.39
CA ASN B 358 25.39 22.18 -13.17
C ASN B 358 24.38 23.08 -12.48
N GLU B 359 24.23 24.28 -13.03
CA GLU B 359 23.66 25.42 -12.33
C GLU B 359 23.01 26.35 -13.35
N ASP B 360 21.79 26.80 -13.08
CA ASP B 360 21.26 27.88 -13.88
C ASP B 360 21.78 29.22 -13.35
N PRO B 361 21.71 30.29 -14.14
CA PRO B 361 22.36 31.56 -13.72
C PRO B 361 21.88 32.12 -12.39
N ASN B 362 20.58 32.12 -12.11
CA ASN B 362 20.10 32.57 -10.79
C ASN B 362 20.83 31.86 -9.67
N ALA B 363 20.91 30.53 -9.73
CA ALA B 363 21.52 29.77 -8.65
C ALA B 363 22.97 30.19 -8.44
N ARG B 364 23.70 30.40 -9.54
CA ARG B 364 25.07 30.88 -9.40
C ARG B 364 25.11 32.27 -8.77
N ILE B 365 24.13 33.12 -9.07
CA ILE B 365 24.15 34.48 -8.53
C ILE B 365 23.78 34.49 -7.05
N ILE B 366 22.69 33.79 -6.67
CA ILE B 366 22.28 33.70 -5.28
C ILE B 366 23.32 32.97 -4.42
N ARG B 367 24.03 32.00 -5.00
CA ARG B 367 25.11 31.33 -4.26
C ARG B 367 26.24 32.30 -3.93
N ASP B 368 26.70 33.06 -4.94
CA ASP B 368 27.81 33.98 -4.73
C ASP B 368 27.45 35.04 -3.70
N LEU B 369 26.20 35.50 -3.69
CA LEU B 369 25.78 36.46 -2.68
C LEU B 369 25.71 35.83 -1.30
N HIS B 370 25.17 34.62 -1.20
CA HIS B 370 25.03 33.92 0.08
C HIS B 370 26.40 33.59 0.69
N SER C 2 -12.02 -13.60 4.91
CA SER C 2 -10.79 -14.24 5.36
C SER C 2 -10.71 -15.70 4.86
N LYS C 3 -9.76 -16.47 5.39
CA LYS C 3 -9.58 -17.87 5.01
C LYS C 3 -10.45 -18.79 5.85
N VAL C 4 -10.73 -19.96 5.29
CA VAL C 4 -11.37 -21.02 6.07
C VAL C 4 -10.39 -21.49 7.15
N LYS C 5 -10.85 -21.47 8.41
CA LYS C 5 -10.03 -21.97 9.50
C LYS C 5 -10.14 -23.49 9.57
N VAL C 6 -9.04 -24.15 9.94
CA VAL C 6 -9.01 -25.60 9.99
C VAL C 6 -8.43 -26.04 11.32
N ALA C 7 -9.22 -26.82 12.07
CA ALA C 7 -8.76 -27.56 13.23
C ALA C 7 -8.77 -29.05 12.94
N VAL C 8 -7.85 -29.77 13.58
CA VAL C 8 -7.91 -31.22 13.55
C VAL C 8 -8.12 -31.70 14.98
N ARG C 9 -9.05 -32.64 15.17
CA ARG C 9 -9.26 -33.27 16.47
C ARG C 9 -8.87 -34.73 16.39
N VAL C 10 -7.86 -35.10 17.20
CA VAL C 10 -7.45 -36.49 17.33
C VAL C 10 -8.18 -37.09 18.51
N ARG C 11 -9.06 -38.07 18.26
CA ARG C 11 -9.67 -38.76 19.38
C ARG C 11 -8.62 -39.66 20.05
N PRO C 12 -8.72 -39.89 21.35
CA PRO C 12 -7.74 -40.76 22.02
C PRO C 12 -8.01 -42.20 21.65
N MET C 13 -7.00 -43.06 21.90
CA MET C 13 -7.16 -44.50 21.69
C MET C 13 -8.34 -45.02 22.49
N ASN C 14 -9.21 -45.75 21.84
CA ASN C 14 -10.40 -46.25 22.52
C ASN C 14 -10.06 -47.57 23.22
N ARG C 15 -11.09 -48.25 23.70
CA ARG C 15 -10.87 -49.46 24.50
C ARG C 15 -10.37 -50.61 23.63
N ARG C 16 -10.90 -50.76 22.43
CA ARG C 16 -10.45 -51.86 21.58
C ARG C 16 -8.98 -51.67 21.22
N GLU C 17 -8.61 -50.45 20.87
CA GLU C 17 -7.25 -50.19 20.40
C GLU C 17 -6.24 -50.34 21.53
N ILE C 18 -6.62 -49.95 22.76
CA ILE C 18 -5.76 -50.19 23.90
C ILE C 18 -5.68 -51.69 24.21
N ASP C 19 -6.84 -52.35 24.27
CA ASP C 19 -6.88 -53.77 24.60
C ASP C 19 -6.05 -54.60 23.63
N LEU C 20 -6.15 -54.30 22.33
CA LEU C 20 -5.49 -55.14 21.34
C LEU C 20 -4.12 -54.60 20.95
N HIS C 21 -3.62 -53.60 21.66
CA HIS C 21 -2.27 -53.06 21.46
C HIS C 21 -2.08 -52.49 20.05
N THR C 22 -3.16 -52.03 19.39
CA THR C 22 -3.01 -51.28 18.14
C THR C 22 -2.05 -50.11 18.35
N LYS C 23 -1.20 -49.84 17.36
CA LYS C 23 -0.17 -48.84 17.60
C LYS C 23 -0.62 -47.44 17.21
N CYS C 24 -0.26 -46.48 18.04
CA CYS C 24 -0.56 -45.09 17.78
C CYS C 24 0.38 -44.58 16.70
N VAL C 25 -0.19 -43.92 15.69
CA VAL C 25 0.60 -43.34 14.62
C VAL C 25 0.42 -41.83 14.50
N VAL C 26 -0.48 -41.24 15.27
CA VAL C 26 -0.79 -39.82 15.16
C VAL C 26 -0.28 -39.15 16.42
N ASP C 27 0.66 -38.23 16.26
CA ASP C 27 1.03 -37.38 17.37
C ASP C 27 0.72 -35.93 17.02
N VAL C 28 0.74 -35.09 18.05
CA VAL C 28 0.32 -33.71 17.95
C VAL C 28 1.35 -32.83 18.64
N GLU C 29 1.71 -31.73 17.99
CA GLU C 29 2.69 -30.79 18.54
C GLU C 29 2.21 -29.38 18.23
N ALA C 30 1.80 -28.64 19.27
CA ALA C 30 1.15 -27.34 19.09
C ALA C 30 0.01 -27.48 18.09
N ASN C 31 0.06 -26.71 17.00
CA ASN C 31 -0.91 -26.77 15.92
C ASN C 31 -0.49 -27.71 14.80
N LYS C 32 0.47 -28.62 15.03
CA LYS C 32 0.94 -29.55 13.99
C LYS C 32 0.53 -30.98 14.31
N VAL C 33 0.15 -31.72 13.27
CA VAL C 33 -0.18 -33.14 13.38
C VAL C 33 0.94 -33.94 12.73
N ILE C 34 1.47 -34.90 13.46
CA ILE C 34 2.56 -35.76 12.98
C ILE C 34 1.99 -37.15 12.76
N LEU C 35 1.96 -37.58 11.49
CA LEU C 35 1.51 -38.91 11.12
C LEU C 35 2.73 -39.78 10.88
N ASN C 36 3.00 -40.68 11.82
CA ASN C 36 4.08 -41.64 11.75
C ASN C 36 3.69 -42.86 10.92
N PRO C 37 4.64 -43.44 10.21
CA PRO C 37 4.32 -44.58 9.34
C PRO C 37 4.26 -45.88 10.13
N ILE C 38 3.73 -46.92 9.47
CA ILE C 38 3.65 -48.26 10.04
C ILE C 38 4.97 -49.02 9.79
N GLY C 49 6.89 -43.84 4.75
CA GLY C 49 8.27 -44.11 5.10
C GLY C 49 8.86 -43.18 6.16
N GLN C 50 8.46 -41.93 6.12
CA GLN C 50 8.86 -40.93 7.10
C GLN C 50 7.62 -40.24 7.66
N PRO C 51 7.73 -39.58 8.82
CA PRO C 51 6.57 -38.89 9.38
C PRO C 51 6.12 -37.76 8.47
N LYS C 52 4.85 -37.78 8.11
CA LYS C 52 4.26 -36.62 7.46
C LYS C 52 3.82 -35.62 8.52
N ILE C 53 4.05 -34.34 8.25
CA ILE C 53 3.74 -33.28 9.22
C ILE C 53 2.84 -32.27 8.54
N PHE C 54 1.70 -31.99 9.17
CA PHE C 54 0.73 -31.03 8.66
C PHE C 54 0.50 -29.94 9.67
N ALA C 55 0.19 -28.74 9.18
CA ALA C 55 -0.01 -27.58 10.04
C ALA C 55 -1.44 -27.07 9.90
N TYR C 56 -2.04 -26.72 11.03
CA TYR C 56 -3.41 -26.22 11.05
C TYR C 56 -3.49 -25.00 11.95
N ASP C 57 -4.69 -24.40 12.01
CA ASP C 57 -4.95 -23.29 12.92
C ASP C 57 -5.09 -23.76 14.37
N HIS C 58 -5.70 -24.93 14.60
CA HIS C 58 -5.81 -25.50 15.93
C HIS C 58 -5.67 -27.02 15.86
N CYS C 59 -5.17 -27.61 16.95
CA CYS C 59 -5.15 -29.06 17.08
C CYS C 59 -5.68 -29.46 18.44
N PHE C 60 -6.62 -30.39 18.46
CA PHE C 60 -7.23 -30.89 19.69
C PHE C 60 -6.88 -32.36 19.88
N TRP C 61 -6.46 -32.71 21.09
CA TRP C 61 -6.16 -34.10 21.37
C TRP C 61 -6.38 -34.32 22.87
N SER C 62 -6.43 -35.59 23.26
CA SER C 62 -6.64 -35.95 24.67
C SER C 62 -5.58 -36.95 25.12
N MET C 63 -5.29 -36.90 26.43
CA MET C 63 -4.34 -37.83 27.03
C MET C 63 -4.91 -39.24 27.13
N ASP C 64 -6.20 -39.36 27.49
CA ASP C 64 -6.86 -40.66 27.57
C ASP C 64 -8.37 -40.44 27.51
N GLU C 65 -9.14 -41.48 27.83
CA GLU C 65 -10.60 -41.46 27.78
C GLU C 65 -11.23 -41.29 29.16
N SER C 66 -10.45 -40.91 30.16
CA SER C 66 -11.00 -40.63 31.49
C SER C 66 -12.07 -39.53 31.40
N VAL C 67 -12.95 -39.53 32.39
CA VAL C 67 -13.97 -38.49 32.46
C VAL C 67 -13.32 -37.11 32.51
N ARG C 68 -12.26 -36.96 33.31
CA ARG C 68 -11.60 -35.66 33.43
C ARG C 68 -11.11 -35.15 32.07
N GLU C 69 -10.43 -36.02 31.32
CA GLU C 69 -9.86 -35.61 30.04
C GLU C 69 -10.94 -35.39 28.99
N LYS C 70 -12.07 -36.09 29.12
CA LYS C 70 -13.14 -35.90 28.14
C LYS C 70 -13.91 -34.61 28.41
N CYS C 71 -14.18 -34.30 29.68
CA CYS C 71 -14.76 -32.99 30.02
C CYS C 71 -13.89 -31.87 29.49
N ALA C 72 -12.58 -31.93 29.77
CA ALA C 72 -11.67 -30.88 29.30
C ALA C 72 -11.65 -30.80 27.77
N GLY C 73 -11.67 -31.94 27.09
CA GLY C 73 -11.64 -31.94 25.64
C GLY C 73 -12.85 -31.24 25.00
N GLN C 74 -14.06 -31.55 25.48
CA GLN C 74 -15.23 -30.84 24.95
C GLN C 74 -15.18 -29.35 25.31
N ASP C 75 -14.68 -29.03 26.50
CA ASP C 75 -14.49 -27.65 26.89
C ASP C 75 -13.45 -26.94 26.02
N ASP C 76 -12.33 -27.62 25.71
CA ASP C 76 -11.31 -27.04 24.83
C ASP C 76 -11.92 -26.65 23.49
N VAL C 77 -12.66 -27.57 22.88
CA VAL C 77 -13.23 -27.30 21.56
C VAL C 77 -14.17 -26.10 21.64
N PHE C 78 -15.05 -26.07 22.63
CA PHE C 78 -15.97 -24.94 22.71
C PHE C 78 -15.21 -23.64 22.93
N LYS C 79 -14.28 -23.63 23.89
CA LYS C 79 -13.54 -22.41 24.20
C LYS C 79 -12.89 -21.84 22.95
N CYS C 80 -12.41 -22.70 22.06
CA CYS C 80 -11.76 -22.21 20.85
C CYS C 80 -12.80 -21.89 19.77
N LEU C 81 -13.47 -22.92 19.24
CA LEU C 81 -14.35 -22.75 18.09
C LEU C 81 -15.74 -22.25 18.44
N GLY C 82 -16.27 -22.62 19.60
CA GLY C 82 -17.66 -22.29 19.92
C GLY C 82 -17.84 -20.82 20.27
N GLU C 83 -17.00 -20.31 21.17
CA GLU C 83 -17.08 -18.89 21.52
C GLU C 83 -16.81 -18.01 20.30
N ASN C 84 -15.94 -18.45 19.38
CA ASN C 84 -15.72 -17.73 18.14
C ASN C 84 -16.99 -17.66 17.30
N ILE C 85 -17.59 -18.81 17.00
CA ILE C 85 -18.77 -18.81 16.16
C ILE C 85 -19.90 -18.08 16.86
N LEU C 86 -19.95 -18.15 18.19
CA LEU C 86 -20.98 -17.41 18.90
C LEU C 86 -20.78 -15.91 18.73
N GLN C 87 -19.54 -15.44 18.84
CA GLN C 87 -19.28 -14.01 18.71
C GLN C 87 -19.49 -13.54 17.28
N ASN C 88 -19.08 -14.37 16.31
CA ASN C 88 -19.38 -14.12 14.90
C ASN C 88 -20.85 -13.84 14.70
N ALA C 89 -21.71 -14.63 15.35
CA ALA C 89 -23.15 -14.45 15.18
C ALA C 89 -23.61 -13.13 15.78
N PHE C 90 -23.09 -12.76 16.95
CA PHE C 90 -23.45 -11.48 17.55
C PHE C 90 -22.88 -10.30 16.78
N ASP C 91 -21.87 -10.52 15.93
CA ASP C 91 -21.41 -9.44 15.08
C ASP C 91 -22.14 -9.38 13.75
N GLY C 92 -23.09 -10.29 13.51
CA GLY C 92 -23.86 -10.28 12.28
C GLY C 92 -23.25 -11.06 11.14
N TYR C 93 -22.33 -11.98 11.42
CA TYR C 93 -21.75 -12.79 10.37
C TYR C 93 -22.49 -14.11 10.26
N ASN C 94 -22.61 -14.61 9.05
CA ASN C 94 -22.85 -16.02 8.90
C ASN C 94 -21.60 -16.75 9.34
N ALA C 95 -21.79 -17.93 9.92
CA ALA C 95 -20.65 -18.71 10.37
C ALA C 95 -21.00 -20.18 10.27
N CYS C 96 -19.96 -21.00 10.07
CA CYS C 96 -20.14 -22.43 9.88
C CYS C 96 -19.00 -23.18 10.53
N ILE C 97 -19.33 -24.27 11.21
CA ILE C 97 -18.38 -25.30 11.60
C ILE C 97 -18.85 -26.60 10.98
N PHE C 98 -17.96 -27.27 10.27
CA PHE C 98 -18.30 -28.59 9.74
C PHE C 98 -17.23 -29.59 10.11
N ALA C 99 -17.67 -30.75 10.56
CA ALA C 99 -16.82 -31.83 10.97
C ALA C 99 -16.70 -32.84 9.82
N TYR C 100 -15.47 -33.21 9.48
CA TYR C 100 -15.18 -34.08 8.36
C TYR C 100 -14.20 -35.13 8.84
N GLY C 101 -14.40 -36.36 8.40
CA GLY C 101 -13.50 -37.43 8.80
C GLY C 101 -14.22 -38.77 8.73
N GLN C 102 -13.42 -39.84 8.87
CA GLN C 102 -13.96 -41.17 8.65
C GLN C 102 -14.90 -41.56 9.78
N THR C 103 -15.79 -42.51 9.48
CA THR C 103 -16.66 -43.08 10.48
C THR C 103 -15.84 -43.50 11.71
N GLY C 104 -16.35 -43.15 12.88
CA GLY C 104 -15.69 -43.47 14.14
C GLY C 104 -14.59 -42.52 14.56
N SER C 105 -14.26 -41.49 13.77
CA SER C 105 -13.19 -40.56 14.14
C SER C 105 -13.64 -39.51 15.16
N GLY C 106 -14.94 -39.21 15.25
CA GLY C 106 -15.44 -38.30 16.27
C GLY C 106 -16.25 -37.11 15.80
N LYS C 107 -16.84 -37.17 14.60
CA LYS C 107 -17.64 -36.05 14.09
C LYS C 107 -18.82 -35.73 15.01
N SER C 108 -19.67 -36.73 15.26
CA SER C 108 -20.88 -36.51 16.06
C SER C 108 -20.55 -36.20 17.51
N TYR C 109 -19.52 -36.88 18.04
CA TYR C 109 -19.04 -36.59 19.39
C TYR C 109 -18.60 -35.13 19.50
N THR C 110 -18.02 -34.60 18.44
CA THR C 110 -17.57 -33.21 18.45
C THR C 110 -18.73 -32.24 18.28
N MET C 111 -19.61 -32.51 17.31
CA MET C 111 -20.67 -31.58 16.99
C MET C 111 -21.79 -31.63 18.01
N MET C 112 -22.32 -32.81 18.29
CA MET C 112 -23.40 -32.97 19.26
C MET C 112 -22.92 -33.52 20.59
N GLY C 113 -21.96 -34.44 20.59
CA GLY C 113 -21.52 -35.05 21.83
C GLY C 113 -22.56 -36.02 22.38
N THR C 114 -22.29 -36.49 23.60
CA THR C 114 -23.17 -37.42 24.28
C THR C 114 -23.85 -36.73 25.43
N ALA C 115 -24.78 -37.48 26.05
CA ALA C 115 -25.51 -36.95 27.19
C ALA C 115 -24.59 -36.57 28.34
N ASP C 116 -23.52 -37.35 28.55
CA ASP C 116 -22.62 -36.92 29.60
C ASP C 116 -21.41 -36.12 29.09
N GLN C 117 -21.19 -36.05 27.79
CA GLN C 117 -20.10 -35.25 27.24
C GLN C 117 -20.64 -34.39 26.10
N PRO C 118 -21.49 -33.40 26.43
CA PRO C 118 -22.10 -32.57 25.39
C PRO C 118 -21.03 -31.89 24.53
N GLY C 119 -21.30 -31.84 23.23
CA GLY C 119 -20.38 -31.26 22.26
C GLY C 119 -20.68 -29.80 21.98
N LEU C 120 -20.33 -29.35 20.77
CA LEU C 120 -20.43 -27.94 20.40
C LEU C 120 -21.88 -27.46 20.40
N ILE C 121 -22.78 -28.22 19.78
CA ILE C 121 -24.15 -27.72 19.56
C ILE C 121 -24.87 -27.40 20.86
N PRO C 122 -24.94 -28.29 21.85
CA PRO C 122 -25.66 -27.90 23.07
C PRO C 122 -24.94 -26.82 23.86
N ARG C 123 -23.61 -26.71 23.79
CA ARG C 123 -22.94 -25.59 24.46
C ARG C 123 -23.21 -24.28 23.71
N LEU C 124 -23.31 -24.35 22.39
CA LEU C 124 -23.70 -23.17 21.62
C LEU C 124 -25.08 -22.68 22.01
N CYS C 125 -26.07 -23.57 21.99
CA CYS C 125 -27.43 -23.14 22.33
C CYS C 125 -27.51 -22.62 23.76
N SER C 126 -26.82 -23.28 24.70
CA SER C 126 -26.80 -22.78 26.08
C SER C 126 -26.16 -21.40 26.15
N GLY C 127 -24.94 -21.25 25.58
CA GLY C 127 -24.25 -19.98 25.65
C GLY C 127 -25.01 -18.86 24.95
N LEU C 128 -25.65 -19.20 23.83
CA LEU C 128 -26.40 -18.21 23.08
C LEU C 128 -27.53 -17.61 23.90
N PHE C 129 -28.32 -18.45 24.58
CA PHE C 129 -29.43 -17.93 25.39
C PHE C 129 -28.92 -17.19 26.61
N GLU C 130 -27.81 -17.66 27.19
CA GLU C 130 -27.20 -16.93 28.29
C GLU C 130 -26.80 -15.51 27.86
N ARG C 131 -26.18 -15.39 26.68
CA ARG C 131 -25.73 -14.07 26.23
C ARG C 131 -26.91 -13.18 25.82
N THR C 132 -27.88 -13.69 25.05
CA THR C 132 -28.98 -12.82 24.63
C THR C 132 -29.74 -12.27 25.82
N GLN C 133 -29.92 -13.07 26.87
CA GLN C 133 -30.66 -12.60 28.03
C GLN C 133 -29.86 -11.60 28.85
N LYS C 134 -28.53 -11.59 28.69
CA LYS C 134 -27.69 -10.61 29.35
C LYS C 134 -27.68 -9.29 28.60
N GLU C 135 -27.69 -9.34 27.28
CA GLU C 135 -27.54 -8.13 26.48
C GLU C 135 -28.87 -7.48 26.08
N GLU C 136 -30.00 -8.16 26.25
CA GLU C 136 -31.29 -7.58 25.88
C GLU C 136 -31.56 -6.35 26.73
N ASN C 137 -31.89 -5.23 26.08
CA ASN C 137 -32.25 -4.00 26.78
C ASN C 137 -33.17 -3.18 25.89
N GLU C 138 -33.27 -1.88 26.18
CA GLU C 138 -34.24 -1.02 25.51
C GLU C 138 -33.85 -0.73 24.06
N GLU C 139 -32.55 -0.77 23.75
CA GLU C 139 -32.11 -0.47 22.40
C GLU C 139 -31.76 -1.69 21.57
N GLN C 140 -31.96 -2.90 22.10
CA GLN C 140 -31.62 -4.10 21.34
C GLN C 140 -32.36 -5.31 21.91
N SER C 141 -32.96 -6.08 21.03
CA SER C 141 -33.50 -7.37 21.40
C SER C 141 -32.95 -8.42 20.45
N PHE C 142 -33.21 -9.69 20.74
CA PHE C 142 -32.67 -10.80 19.97
C PHE C 142 -33.76 -11.83 19.73
N LYS C 143 -33.72 -12.42 18.55
CA LYS C 143 -34.57 -13.57 18.23
C LYS C 143 -33.66 -14.71 17.80
N VAL C 144 -33.98 -15.92 18.25
CA VAL C 144 -33.23 -17.13 17.92
C VAL C 144 -34.18 -18.10 17.25
N GLU C 145 -33.83 -18.55 16.05
CA GLU C 145 -34.52 -19.63 15.37
C GLU C 145 -33.54 -20.78 15.14
N VAL C 146 -34.06 -22.01 15.15
CA VAL C 146 -33.24 -23.19 14.92
C VAL C 146 -33.94 -24.11 13.94
N SER C 147 -33.14 -24.75 13.11
CA SER C 147 -33.51 -25.85 12.24
C SER C 147 -32.55 -26.99 12.47
N TYR C 148 -33.03 -28.21 12.23
CA TYR C 148 -32.22 -29.42 12.25
C TYR C 148 -32.67 -30.30 11.09
N MET C 149 -31.77 -30.62 10.18
CA MET C 149 -32.13 -31.37 8.98
C MET C 149 -31.14 -32.49 8.71
N GLU C 150 -31.64 -33.52 8.05
CA GLU C 150 -30.81 -34.62 7.58
C GLU C 150 -30.74 -34.57 6.05
N ILE C 151 -29.57 -34.84 5.50
CA ILE C 151 -29.38 -35.04 4.07
C ILE C 151 -28.98 -36.49 3.86
N TYR C 152 -29.83 -37.25 3.18
CA TYR C 152 -29.58 -38.65 2.89
C TYR C 152 -30.03 -38.94 1.46
N ASN C 153 -29.12 -39.52 0.67
CA ASN C 153 -29.42 -39.89 -0.72
C ASN C 153 -29.96 -38.70 -1.51
N GLU C 154 -29.43 -37.51 -1.25
CA GLU C 154 -29.86 -36.26 -1.86
C GLU C 154 -31.31 -35.91 -1.51
N LYS C 155 -31.91 -36.64 -0.60
CA LYS C 155 -33.19 -36.21 -0.04
C LYS C 155 -32.93 -35.46 1.28
N VAL C 156 -33.97 -34.77 1.71
CA VAL C 156 -33.87 -33.80 2.77
C VAL C 156 -34.96 -34.09 3.78
N ARG C 157 -34.57 -34.34 5.03
CA ARG C 157 -35.52 -34.71 6.07
C ARG C 157 -35.43 -33.74 7.26
N ASP C 158 -36.59 -33.43 7.87
CA ASP C 158 -36.68 -32.45 8.96
C ASP C 158 -36.70 -33.20 10.30
N LEU C 159 -35.62 -33.09 11.06
CA LEU C 159 -35.48 -33.81 12.31
C LEU C 159 -36.24 -33.17 13.48
N LEU C 160 -36.96 -32.06 13.25
CA LEU C 160 -37.76 -31.43 14.30
C LEU C 160 -39.26 -31.46 14.00
N ASP C 161 -39.72 -32.37 13.15
CA ASP C 161 -41.04 -32.37 12.55
C ASP C 161 -41.67 -33.75 12.66
N PRO C 162 -42.98 -33.88 12.38
CA PRO C 162 -43.64 -35.18 12.62
C PRO C 162 -43.07 -36.35 11.83
N LYS C 163 -42.82 -36.17 10.53
CA LYS C 163 -42.30 -37.25 9.70
C LYS C 163 -40.90 -36.90 9.16
N THR C 168 -37.35 -34.57 -0.09
CA THR C 168 -36.34 -33.88 -0.90
C THR C 168 -36.77 -32.45 -1.21
N LEU C 169 -36.65 -31.55 -0.22
CA LEU C 169 -37.18 -30.19 -0.33
C LEU C 169 -36.31 -29.30 -1.22
N LYS C 170 -36.50 -27.99 -1.11
CA LYS C 170 -35.94 -27.03 -2.05
C LYS C 170 -35.93 -25.65 -1.42
N VAL C 171 -35.53 -24.64 -2.20
CA VAL C 171 -35.38 -23.26 -1.74
C VAL C 171 -36.50 -22.41 -2.34
N ARG C 172 -37.11 -21.58 -1.51
CA ARG C 172 -38.15 -20.67 -1.91
C ARG C 172 -37.68 -19.28 -1.51
N GLU C 173 -38.05 -18.28 -2.29
CA GLU C 173 -37.64 -16.88 -2.08
C GLU C 173 -36.12 -16.61 -2.06
N HIS C 174 -35.35 -17.41 -2.79
CA HIS C 174 -33.88 -17.28 -2.87
C HIS C 174 -33.42 -15.86 -3.26
N SER C 175 -32.84 -15.12 -2.32
CA SER C 175 -32.36 -13.76 -2.58
C SER C 175 -30.88 -13.70 -2.35
N VAL C 176 -30.30 -12.54 -2.06
CA VAL C 176 -28.89 -12.56 -1.76
C VAL C 176 -28.85 -13.05 -0.31
N LEU C 177 -30.01 -13.37 0.23
CA LEU C 177 -30.04 -13.94 1.57
C LEU C 177 -29.39 -15.32 1.62
N GLY C 178 -29.36 -16.05 0.51
CA GLY C 178 -28.59 -17.27 0.40
C GLY C 178 -29.40 -18.50 0.02
N PRO C 179 -28.74 -19.67 0.01
CA PRO C 179 -29.46 -20.94 -0.16
C PRO C 179 -29.96 -21.47 1.18
N TYR C 180 -31.25 -21.78 1.24
CA TYR C 180 -31.87 -22.32 2.45
C TYR C 180 -32.99 -23.27 2.04
N VAL C 181 -33.53 -24.00 3.03
CA VAL C 181 -34.57 -24.99 2.79
C VAL C 181 -35.91 -24.43 3.23
N ASP C 182 -36.93 -24.61 2.39
CA ASP C 182 -38.29 -24.23 2.70
C ASP C 182 -39.17 -25.48 2.82
N GLY C 183 -40.24 -25.35 3.60
CA GLY C 183 -40.92 -26.53 4.09
C GLY C 183 -40.20 -27.15 5.26
N LEU C 184 -39.15 -26.50 5.75
CA LEU C 184 -38.31 -26.98 6.83
C LEU C 184 -38.66 -26.21 8.10
N SER C 185 -38.95 -26.94 9.17
CA SER C 185 -39.27 -26.31 10.45
C SER C 185 -38.16 -25.36 10.86
N LYS C 186 -38.55 -24.11 11.13
CA LYS C 186 -37.65 -23.02 11.47
C LYS C 186 -38.31 -22.38 12.69
N LEU C 187 -37.88 -22.82 13.88
CA LEU C 187 -38.64 -22.65 15.12
C LEU C 187 -37.97 -21.61 15.99
N ALA C 188 -38.70 -20.53 16.27
CA ALA C 188 -38.20 -19.49 17.15
C ALA C 188 -38.26 -19.98 18.58
N VAL C 189 -37.12 -20.04 19.23
CA VAL C 189 -37.00 -20.63 20.56
C VAL C 189 -36.52 -19.55 21.51
N THR C 190 -37.00 -19.62 22.76
CA THR C 190 -36.71 -18.61 23.77
C THR C 190 -35.90 -19.14 24.96
N SER C 191 -35.56 -20.42 24.99
CA SER C 191 -34.77 -20.96 26.09
C SER C 191 -34.10 -22.24 25.61
N TYR C 192 -33.09 -22.68 26.36
CA TYR C 192 -32.42 -23.92 26.01
C TYR C 192 -33.40 -25.10 25.98
N LYS C 193 -34.36 -25.13 26.92
CA LYS C 193 -35.27 -26.26 27.04
C LYS C 193 -36.17 -26.41 25.84
N ASP C 194 -36.47 -25.32 25.17
CA ASP C 194 -37.26 -25.41 23.95
C ASP C 194 -36.54 -26.26 22.92
N ILE C 195 -35.24 -26.05 22.75
CA ILE C 195 -34.49 -26.81 21.74
C ILE C 195 -34.39 -28.25 22.16
N GLU C 196 -34.12 -28.49 23.44
CA GLU C 196 -33.94 -29.84 23.97
C GLU C 196 -35.14 -30.73 23.64
N SER C 197 -36.34 -30.29 24.00
CA SER C 197 -37.52 -31.11 23.74
C SER C 197 -37.80 -31.19 22.24
N LEU C 198 -37.57 -30.08 21.51
CA LEU C 198 -37.76 -30.08 20.07
C LEU C 198 -37.03 -31.24 19.41
N MET C 199 -35.82 -31.55 19.89
CA MET C 199 -35.02 -32.61 19.26
C MET C 199 -35.50 -34.00 19.66
N SER C 200 -35.90 -34.19 20.91
CA SER C 200 -36.44 -35.46 21.35
C SER C 200 -37.97 -35.44 21.37
N SER C 217 -27.50 -42.36 9.88
CA SER C 217 -26.57 -43.38 9.36
C SER C 217 -25.15 -42.83 9.23
N SER C 218 -24.22 -43.70 8.83
CA SER C 218 -22.89 -43.22 8.50
C SER C 218 -22.81 -42.59 7.10
N ARG C 219 -23.84 -42.77 6.28
CA ARG C 219 -23.92 -42.21 4.93
C ARG C 219 -24.65 -40.86 4.86
N SER C 220 -25.17 -40.34 5.98
CA SER C 220 -26.02 -39.15 5.99
C SER C 220 -25.32 -37.95 6.64
N HIS C 221 -25.74 -36.76 6.21
CA HIS C 221 -25.29 -35.49 6.77
C HIS C 221 -26.39 -34.88 7.63
N ALA C 222 -26.00 -34.23 8.72
CA ALA C 222 -26.92 -33.49 9.58
C ALA C 222 -26.47 -32.04 9.66
N VAL C 223 -27.40 -31.12 9.42
CA VAL C 223 -27.13 -29.70 9.51
C VAL C 223 -28.03 -29.12 10.60
N PHE C 224 -27.40 -28.57 11.63
CA PHE C 224 -28.06 -27.78 12.67
C PHE C 224 -27.82 -26.31 12.40
N LYS C 225 -28.91 -25.54 12.29
CA LYS C 225 -28.86 -24.15 11.87
C LYS C 225 -29.40 -23.25 12.97
N ILE C 226 -28.66 -22.21 13.32
CA ILE C 226 -29.15 -21.22 14.28
C ILE C 226 -29.08 -19.85 13.63
N THR C 227 -30.19 -19.13 13.70
CA THR C 227 -30.28 -17.77 13.20
C THR C 227 -30.45 -16.83 14.38
N LEU C 228 -29.50 -15.91 14.53
CA LEU C 228 -29.53 -14.91 15.57
C LEU C 228 -29.88 -13.58 14.91
N THR C 229 -31.07 -13.07 15.21
CA THR C 229 -31.56 -11.80 14.68
C THR C 229 -31.42 -10.74 15.76
N HIS C 230 -30.49 -9.80 15.54
CA HIS C 230 -30.25 -8.69 16.46
C HIS C 230 -31.01 -7.48 15.92
N THR C 231 -32.03 -7.04 16.65
CA THR C 231 -32.77 -5.84 16.30
C THR C 231 -32.27 -4.71 17.18
N LEU C 232 -31.76 -3.66 16.54
CA LEU C 232 -31.29 -2.47 17.22
C LEU C 232 -32.41 -1.44 17.16
N TYR C 233 -32.69 -0.78 18.27
CA TYR C 233 -33.78 0.19 18.34
C TYR C 233 -33.20 1.56 18.72
N ASP C 234 -33.45 2.56 17.87
CA ASP C 234 -33.09 3.95 18.13
C ASP C 234 -34.32 4.65 18.70
N VAL C 235 -34.31 4.89 20.01
CA VAL C 235 -35.45 5.46 20.71
C VAL C 235 -35.78 6.85 20.21
N LYS C 236 -34.76 7.62 19.80
CA LYS C 236 -34.95 8.99 19.33
C LYS C 236 -35.99 9.06 18.21
N SER C 237 -35.67 8.47 17.07
CA SER C 237 -36.56 8.51 15.92
C SER C 237 -37.61 7.40 15.93
N GLY C 238 -37.54 6.48 16.89
CA GLY C 238 -38.41 5.33 16.86
C GLY C 238 -38.12 4.39 15.70
N THR C 239 -36.87 4.36 15.24
CA THR C 239 -36.47 3.52 14.12
C THR C 239 -35.78 2.26 14.62
N SER C 240 -35.61 1.31 13.72
CA SER C 240 -34.93 0.08 14.07
C SER C 240 -34.35 -0.56 12.82
N GLY C 241 -33.33 -1.39 13.04
CA GLY C 241 -32.73 -2.17 11.97
C GLY C 241 -32.36 -3.55 12.49
N GLU C 242 -31.99 -4.43 11.55
CA GLU C 242 -31.71 -5.83 11.86
C GLU C 242 -30.32 -6.24 11.42
N LYS C 243 -29.60 -6.87 12.35
CA LYS C 243 -28.34 -7.54 12.11
C LYS C 243 -28.59 -9.03 12.31
N VAL C 244 -28.20 -9.85 11.34
CA VAL C 244 -28.54 -11.26 11.33
C VAL C 244 -27.28 -12.10 11.22
N GLY C 245 -27.08 -13.00 12.17
CA GLY C 245 -26.03 -14.01 12.08
C GLY C 245 -26.63 -15.41 11.99
N LYS C 246 -26.21 -16.15 10.96
CA LYS C 246 -26.70 -17.51 10.73
C LYS C 246 -25.57 -18.47 11.06
N LEU C 247 -25.81 -19.35 12.05
CA LEU C 247 -24.86 -20.36 12.46
C LEU C 247 -25.25 -21.70 11.82
N SER C 248 -24.31 -22.31 11.08
CA SER C 248 -24.51 -23.66 10.54
C SER C 248 -23.52 -24.63 11.20
N LEU C 249 -24.05 -25.64 11.87
CA LEU C 249 -23.24 -26.66 12.52
C LEU C 249 -23.50 -27.98 11.81
N VAL C 250 -22.48 -28.47 11.08
CA VAL C 250 -22.64 -29.53 10.09
C VAL C 250 -21.91 -30.78 10.54
N ASP C 251 -22.63 -31.90 10.58
CA ASP C 251 -22.09 -33.22 10.93
C ASP C 251 -22.13 -34.07 9.67
N LEU C 252 -20.99 -34.25 9.00
CA LEU C 252 -20.97 -34.80 7.65
C LEU C 252 -21.04 -36.33 7.66
N ALA C 253 -21.31 -36.90 6.50
CA ALA C 253 -21.20 -38.34 6.33
C ALA C 253 -19.75 -38.79 6.47
N GLY C 254 -19.56 -40.06 6.79
CA GLY C 254 -18.23 -40.64 6.86
C GLY C 254 -17.43 -40.42 5.59
N SER C 255 -16.21 -39.93 5.74
CA SER C 255 -15.37 -39.61 4.58
C SER C 255 -14.84 -40.85 3.87
N GLU C 256 -14.89 -42.03 4.47
CA GLU C 256 -14.21 -43.18 3.88
C GLU C 256 -14.89 -43.61 2.58
N ARG C 257 -14.06 -44.09 1.65
CA ARG C 257 -14.51 -44.54 0.34
C ARG C 257 -14.31 -46.05 0.18
N ASN C 273 -25.61 -41.88 -6.22
CA ASN C 273 -26.47 -40.87 -5.62
C ASN C 273 -26.43 -40.83 -4.08
N ILE C 274 -26.10 -41.96 -3.46
CA ILE C 274 -25.93 -42.02 -2.02
C ILE C 274 -24.75 -41.16 -1.58
N ASN C 275 -23.66 -41.18 -2.34
CA ASN C 275 -22.48 -40.40 -1.99
C ASN C 275 -22.30 -39.17 -2.86
N LYS C 276 -23.32 -38.80 -3.64
CA LYS C 276 -23.25 -37.64 -4.51
C LYS C 276 -22.82 -36.38 -3.76
N SER C 277 -23.46 -36.10 -2.61
CA SER C 277 -23.15 -34.88 -1.86
C SER C 277 -21.73 -34.90 -1.31
N LEU C 278 -21.36 -35.98 -0.63
CA LEU C 278 -19.99 -36.07 -0.13
C LEU C 278 -18.98 -35.97 -1.27
N THR C 279 -19.23 -36.67 -2.38
CA THR C 279 -18.30 -36.62 -3.50
C THR C 279 -18.21 -35.21 -4.09
N THR C 280 -19.35 -34.54 -4.25
CA THR C 280 -19.33 -33.15 -4.72
C THR C 280 -18.61 -32.23 -3.73
N LEU C 281 -18.68 -32.53 -2.43
CA LEU C 281 -17.98 -31.66 -1.47
C LEU C 281 -16.48 -31.67 -1.71
N GLY C 282 -15.91 -32.84 -1.99
CA GLY C 282 -14.49 -32.89 -2.32
C GLY C 282 -14.15 -32.14 -3.59
N LEU C 283 -15.06 -32.20 -4.56
CA LEU C 283 -14.87 -31.44 -5.79
C LEU C 283 -14.94 -29.93 -5.52
N VAL C 284 -15.88 -29.51 -4.68
CA VAL C 284 -15.99 -28.09 -4.34
C VAL C 284 -14.77 -27.64 -3.53
N ILE C 285 -14.36 -28.42 -2.52
CA ILE C 285 -13.20 -28.06 -1.70
C ILE C 285 -11.97 -27.93 -2.59
N SER C 286 -11.78 -28.88 -3.49
CA SER C 286 -10.56 -28.94 -4.30
C SER C 286 -10.52 -27.80 -5.32
N ALA C 287 -11.66 -27.48 -5.93
CA ALA C 287 -11.68 -26.35 -6.86
C ALA C 287 -11.48 -25.03 -6.12
N LEU C 288 -12.04 -24.88 -4.92
CA LEU C 288 -11.89 -23.63 -4.20
C LEU C 288 -10.46 -23.47 -3.67
N ALA C 289 -9.86 -24.56 -3.18
CA ALA C 289 -8.46 -24.52 -2.78
C ALA C 289 -7.55 -24.17 -3.95
N ASP C 290 -7.91 -24.60 -5.16
CA ASP C 290 -7.15 -24.20 -6.36
C ASP C 290 -7.27 -22.70 -6.60
N GLN C 291 -8.46 -22.14 -6.38
CA GLN C 291 -8.66 -20.70 -6.58
C GLN C 291 -7.91 -19.89 -5.53
N GLY C 292 -7.93 -20.35 -4.27
CA GLY C 292 -7.17 -19.71 -3.23
C GLY C 292 -5.67 -19.89 -3.37
N ALA C 293 -5.23 -20.77 -4.27
CA ALA C 293 -3.82 -21.02 -4.52
C ALA C 293 -3.35 -20.49 -5.86
N GLY C 294 -4.09 -20.75 -6.94
CA GLY C 294 -3.69 -20.29 -8.27
C GLY C 294 -2.99 -21.35 -9.10
N LYS C 297 -6.57 -20.26 -10.78
CA LYS C 297 -7.82 -19.55 -10.48
C LYS C 297 -8.88 -19.83 -11.53
N ASN C 298 -10.05 -19.21 -11.34
CA ASN C 298 -11.15 -19.24 -12.31
C ASN C 298 -11.58 -20.65 -12.69
N LYS C 299 -11.45 -21.59 -11.76
CA LYS C 299 -12.00 -22.93 -11.91
C LYS C 299 -13.49 -22.93 -11.55
N PHE C 300 -14.22 -23.88 -12.12
CA PHE C 300 -15.65 -24.02 -11.90
C PHE C 300 -15.92 -24.79 -10.62
N VAL C 301 -16.81 -24.25 -9.78
CA VAL C 301 -17.13 -24.79 -8.46
C VAL C 301 -18.55 -25.39 -8.55
N PRO C 302 -18.71 -26.71 -8.53
CA PRO C 302 -20.02 -27.34 -8.84
C PRO C 302 -21.01 -27.35 -7.69
N TYR C 303 -21.30 -26.16 -7.16
CA TYR C 303 -22.18 -26.02 -5.99
C TYR C 303 -23.50 -26.75 -6.15
N ARG C 304 -24.19 -26.53 -7.27
CA ARG C 304 -25.60 -26.93 -7.40
C ARG C 304 -25.76 -28.38 -7.82
N ASP C 305 -24.68 -29.13 -7.99
CA ASP C 305 -24.78 -30.54 -8.32
C ASP C 305 -24.73 -31.45 -7.10
N SER C 306 -25.08 -30.93 -5.92
CA SER C 306 -25.42 -31.73 -4.76
C SER C 306 -26.24 -30.88 -3.81
N VAL C 307 -27.12 -31.54 -3.05
CA VAL C 307 -27.90 -30.84 -2.04
C VAL C 307 -26.97 -30.20 -1.00
N LEU C 308 -25.97 -30.95 -0.54
CA LEU C 308 -25.09 -30.46 0.51
C LEU C 308 -24.31 -29.23 0.07
N THR C 309 -23.62 -29.34 -1.07
CA THR C 309 -22.77 -28.23 -1.51
C THR C 309 -23.60 -27.03 -1.91
N TRP C 310 -24.82 -27.23 -2.41
CA TRP C 310 -25.68 -26.09 -2.67
C TRP C 310 -26.07 -25.42 -1.36
N LEU C 311 -26.33 -26.20 -0.32
CA LEU C 311 -26.69 -25.61 0.96
C LEU C 311 -25.52 -24.90 1.61
N LEU C 312 -24.30 -25.37 1.36
CA LEU C 312 -23.10 -24.74 1.92
C LEU C 312 -22.43 -23.78 0.94
N LYS C 313 -23.18 -23.33 -0.08
CA LYS C 313 -22.63 -22.42 -1.09
C LYS C 313 -21.94 -21.23 -0.45
N ASP C 314 -22.56 -20.61 0.55
CA ASP C 314 -21.92 -19.49 1.23
C ASP C 314 -20.83 -19.95 2.21
N SER C 315 -21.02 -21.09 2.87
CA SER C 315 -20.04 -21.53 3.85
C SER C 315 -18.66 -21.75 3.25
N LEU C 316 -18.59 -22.17 1.98
CA LEU C 316 -17.32 -22.48 1.34
C LEU C 316 -17.13 -21.54 0.15
N GLY C 317 -16.18 -20.62 0.27
CA GLY C 317 -15.95 -19.63 -0.77
C GLY C 317 -16.93 -18.48 -0.81
N GLY C 318 -17.90 -18.43 0.11
CA GLY C 318 -18.91 -17.39 0.08
C GLY C 318 -18.93 -16.47 1.28
N ASN C 319 -20.12 -16.04 1.68
CA ASN C 319 -20.31 -15.01 2.72
C ASN C 319 -20.51 -15.67 4.09
N SER C 320 -19.40 -16.06 4.71
CA SER C 320 -19.41 -16.82 5.96
C SER C 320 -18.01 -16.87 6.56
N LYS C 321 -17.96 -16.98 7.88
CA LYS C 321 -16.75 -17.30 8.62
C LYS C 321 -16.82 -18.79 8.91
N THR C 322 -15.93 -19.56 8.29
CA THR C 322 -16.05 -21.00 8.26
C THR C 322 -14.84 -21.67 8.91
N ALA C 323 -15.12 -22.67 9.75
CA ALA C 323 -14.11 -23.53 10.32
C ALA C 323 -14.43 -24.99 10.01
N MET C 324 -13.44 -25.72 9.53
CA MET C 324 -13.54 -27.15 9.39
C MET C 324 -12.88 -27.80 10.61
N VAL C 325 -13.57 -28.78 11.21
CA VAL C 325 -12.98 -29.68 12.19
C VAL C 325 -12.76 -31.03 11.51
N ALA C 326 -11.52 -31.36 11.22
CA ALA C 326 -11.20 -32.67 10.65
C ALA C 326 -10.89 -33.62 11.79
N THR C 327 -11.71 -34.66 11.94
CA THR C 327 -11.52 -35.61 13.02
C THR C 327 -10.77 -36.84 12.50
N VAL C 328 -9.75 -37.28 13.25
CA VAL C 328 -8.97 -38.43 12.84
C VAL C 328 -8.89 -39.39 14.02
N SER C 329 -8.88 -40.68 13.70
CA SER C 329 -8.50 -41.75 14.62
C SER C 329 -6.98 -41.83 14.71
N PRO C 330 -6.46 -42.28 15.84
CA PRO C 330 -5.00 -42.18 16.08
C PRO C 330 -4.21 -43.45 15.77
N ALA C 331 -4.86 -44.55 15.41
CA ALA C 331 -4.22 -45.85 15.41
C ALA C 331 -3.85 -46.31 14.01
N ALA C 332 -2.88 -47.23 13.95
CA ALA C 332 -2.30 -47.65 12.69
C ALA C 332 -3.32 -48.29 11.76
N ASP C 333 -4.33 -48.98 12.31
CA ASP C 333 -5.32 -49.61 11.44
C ASP C 333 -6.04 -48.59 10.55
N ASN C 334 -5.94 -47.27 10.84
CA ASN C 334 -6.62 -46.24 10.07
C ASN C 334 -5.65 -45.29 9.34
N TYR C 335 -4.38 -45.68 9.18
CA TYR C 335 -3.37 -44.79 8.62
C TYR C 335 -3.87 -44.09 7.37
N ASP C 336 -4.38 -44.86 6.41
CA ASP C 336 -4.67 -44.31 5.08
C ASP C 336 -5.83 -43.33 5.12
N GLU C 337 -6.93 -43.71 5.78
CA GLU C 337 -8.07 -42.79 5.87
C GLU C 337 -7.71 -41.54 6.65
N THR C 338 -6.94 -41.71 7.72
CA THR C 338 -6.39 -40.57 8.47
C THR C 338 -5.55 -39.69 7.56
N LEU C 339 -4.62 -40.31 6.81
CA LEU C 339 -3.79 -39.55 5.87
C LEU C 339 -4.64 -38.78 4.88
N SER C 340 -5.69 -39.41 4.34
CA SER C 340 -6.54 -38.72 3.39
C SER C 340 -7.29 -37.56 4.06
N THR C 341 -7.74 -37.75 5.29
CA THR C 341 -8.44 -36.66 6.00
C THR C 341 -7.52 -35.45 6.20
N LEU C 342 -6.27 -35.68 6.61
CA LEU C 342 -5.35 -34.58 6.87
C LEU C 342 -5.00 -33.85 5.57
N ARG C 343 -4.90 -34.56 4.46
CA ARG C 343 -4.64 -33.92 3.18
C ARG C 343 -5.82 -33.06 2.75
N TYR C 344 -7.03 -33.59 2.91
CA TYR C 344 -8.25 -32.84 2.65
C TYR C 344 -8.30 -31.57 3.49
N ALA C 345 -8.00 -31.68 4.78
CA ALA C 345 -8.03 -30.50 5.65
C ALA C 345 -6.90 -29.53 5.28
N ASP C 346 -5.78 -30.07 4.78
CA ASP C 346 -4.66 -29.24 4.37
C ASP C 346 -5.05 -28.37 3.17
N ARG C 347 -5.84 -28.93 2.24
CA ARG C 347 -6.31 -28.12 1.12
C ARG C 347 -7.40 -27.14 1.55
N ALA C 348 -8.24 -27.52 2.52
CA ALA C 348 -9.33 -26.65 2.93
C ALA C 348 -8.82 -25.29 3.40
N LYS C 349 -7.62 -25.23 3.97
CA LYS C 349 -7.15 -24.00 4.57
C LYS C 349 -6.82 -22.94 3.50
N HIS C 350 -6.76 -23.31 2.23
CA HIS C 350 -6.53 -22.31 1.18
C HIS C 350 -7.82 -21.69 0.68
N ILE C 351 -8.96 -22.18 1.11
CA ILE C 351 -10.22 -21.60 0.68
C ILE C 351 -10.37 -20.22 1.30
N ILE C 352 -10.77 -19.24 0.48
CA ILE C 352 -10.95 -17.87 0.94
C ILE C 352 -12.42 -17.51 0.84
N ASN C 353 -12.98 -17.09 1.97
CA ASN C 353 -14.34 -16.62 2.08
C ASN C 353 -14.35 -15.08 2.10
N HIS C 354 -15.54 -14.51 1.89
CA HIS C 354 -15.75 -13.06 1.94
C HIS C 354 -16.97 -12.79 2.83
N ALA C 355 -16.74 -12.72 4.14
CA ALA C 355 -17.82 -12.55 5.10
C ALA C 355 -18.05 -11.07 5.36
N VAL C 356 -19.32 -10.64 5.24
CA VAL C 356 -19.71 -9.27 5.55
C VAL C 356 -20.72 -9.32 6.69
N VAL C 357 -20.85 -8.20 7.40
CA VAL C 357 -21.91 -8.08 8.39
C VAL C 357 -23.24 -8.00 7.65
N ASN C 358 -24.20 -8.81 8.09
CA ASN C 358 -25.49 -8.91 7.41
C ASN C 358 -26.46 -7.99 8.13
N GLU C 359 -26.60 -6.78 7.60
CA GLU C 359 -27.31 -5.67 8.24
C GLU C 359 -28.07 -4.88 7.18
N ASP C 360 -29.31 -4.50 7.50
CA ASP C 360 -30.00 -3.52 6.67
C ASP C 360 -29.39 -2.14 6.94
N PRO C 361 -29.66 -1.12 6.11
CA PRO C 361 -28.97 0.18 6.31
C PRO C 361 -29.31 0.84 7.65
N ASN C 362 -30.52 0.65 8.18
CA ASN C 362 -30.88 1.22 9.47
C ASN C 362 -29.98 0.67 10.59
N ALA C 363 -29.78 -0.65 10.61
CA ALA C 363 -28.93 -1.23 11.64
C ALA C 363 -27.52 -0.69 11.53
N ARG C 364 -27.04 -0.52 10.30
CA ARG C 364 -25.72 0.05 10.06
C ARG C 364 -25.63 1.48 10.60
N ILE C 365 -26.69 2.27 10.45
CA ILE C 365 -26.66 3.64 10.97
C ILE C 365 -26.67 3.63 12.49
N ILE C 366 -27.59 2.88 13.10
CA ILE C 366 -27.66 2.79 14.56
C ILE C 366 -26.36 2.23 15.13
N ARG C 367 -25.83 1.17 14.52
CA ARG C 367 -24.60 0.57 15.02
C ARG C 367 -23.40 1.52 14.91
N ASP C 368 -23.40 2.39 13.89
CA ASP C 368 -22.31 3.36 13.75
C ASP C 368 -22.49 4.58 14.67
N LEU C 369 -23.72 4.93 15.03
CA LEU C 369 -23.92 6.05 15.94
C LEU C 369 -23.71 5.67 17.40
N HIS C 370 -23.69 4.38 17.74
CA HIS C 370 -23.24 3.95 19.06
C HIS C 370 -21.73 4.12 19.21
N HIS C 371 -20.99 4.01 18.11
CA HIS C 371 -19.55 4.25 18.11
C HIS C 371 -19.19 5.63 17.53
#